data_8PL5
#
_entry.id   8PL5
#
_cell.length_a   62.544
_cell.length_b   103.623
_cell.length_c   133.760
_cell.angle_alpha   90.000
_cell.angle_beta   92.170
_cell.angle_gamma   90.000
#
_symmetry.space_group_name_H-M   'P 1 21 1'
#
loop_
_entity.id
_entity.type
_entity.pdbx_description
1 polymer 'Thioredoxin glutathione reductase'
2 non-polymer 'FLAVIN-ADENINE DINUCLEOTIDE'
3 non-polymer 1-[4-(cyclopropylamino)piperidin-1-yl]ethanone
4 water water
#
_entity_poly.entity_id   1
_entity_poly.type   'polypeptide(L)'
_entity_poly.pdbx_seq_one_letter_code
;GPPPADGTSQWLRKTVDSAAVILFSKTTCPYCKKVKDVLAEAKIKHATIELDQLSNGSAIQKCLASFSKIETVPQMFVRG
KFIGDSQTVLKYYSNDELAGIVNESKYDYDLIVIGGGSGGLAAGKEAAKYGAKTAVLDYVEPTPIGTTWGLGGTCVNVGC
IPKKLMHQAGLLSHALEDAEHFGWSLDRSKISHNWSTMVEGVQSHIGSLNWGYKVALRDNQVTYLNAKGRLISPHEVQIT
DKNQKVSTITGNKIILATGERPKYPEIPGAVEYGITSDDLFSLPYFPGKTLVIGASYVALECAGFLASLGGDVTVMVRSI
LLRGFDQQMAEKVGDYMENHGVKFAKLCVPDEIKQLKVVDTENNKPGLLLVKGHYTDGKKFEEEFETVIFAVGREPQLSK
VLCETVGVKLDKNGRVVCTDDEQTTVSNVYAIGDINAGKPQLTPVAIQAGRYLARRLFAGATELTDYSNVATTVFTPLEY
GACGLSEEDAIEKYGDKDIEVYHSNFKPLEWTVAHREDNVCYMKLVCRKSDNMRVLGLHVLGPNAGEITQGYAVAIKMGA
TKADFDRTIGIHPTCSETFTTLHVTKKSGVSPIVSGC
;
_entity_poly.pdbx_strand_id   A,B
#
# COMPACT_ATOMS: atom_id res chain seq x y z
N GLY A 7 -28.39 32.40 0.70
CA GLY A 7 -27.46 31.28 0.78
C GLY A 7 -27.37 30.68 2.16
N THR A 8 -26.84 31.48 3.11
CA THR A 8 -26.82 31.07 4.51
C THR A 8 -28.22 30.81 5.04
N SER A 9 -29.20 31.63 4.63
CA SER A 9 -30.55 31.52 5.18
C SER A 9 -31.23 30.22 4.75
N GLN A 10 -30.99 29.78 3.52
CA GLN A 10 -31.58 28.51 3.08
C GLN A 10 -30.94 27.33 3.80
N TRP A 11 -29.64 27.42 4.11
CA TRP A 11 -28.99 26.35 4.87
C TRP A 11 -29.56 26.26 6.27
N LEU A 12 -29.72 27.42 6.95
CA LEU A 12 -30.21 27.43 8.32
C LEU A 12 -31.63 26.88 8.39
N ARG A 13 -32.50 27.30 7.48
CA ARG A 13 -33.86 26.77 7.43
C ARG A 13 -33.87 25.25 7.26
N LYS A 14 -33.04 24.74 6.34
CA LYS A 14 -32.96 23.28 6.16
C LYS A 14 -32.48 22.60 7.44
N THR A 15 -31.42 23.13 8.06
CA THR A 15 -30.85 22.49 9.25
C THR A 15 -31.85 22.47 10.41
N VAL A 16 -32.55 23.59 10.65
CA VAL A 16 -33.47 23.64 11.78
C VAL A 16 -34.66 22.72 11.56
N ASP A 17 -35.15 22.62 10.32
CA ASP A 17 -36.38 21.89 10.03
C ASP A 17 -36.23 20.39 10.27
N SER A 18 -35.07 19.81 9.93
CA SER A 18 -34.95 18.35 9.99
C SER A 18 -34.16 17.83 11.20
N ALA A 19 -33.31 18.64 11.83
CA ALA A 19 -32.60 18.18 13.03
C ALA A 19 -33.58 17.80 14.14
N ALA A 20 -33.24 16.75 14.88
CA ALA A 20 -34.08 16.29 15.99
C ALA A 20 -33.92 17.18 17.22
N VAL A 21 -32.68 17.30 17.72
CA VAL A 21 -32.33 18.14 18.87
C VAL A 21 -31.00 18.80 18.52
N ILE A 22 -30.97 20.14 18.48
CA ILE A 22 -29.76 20.85 18.05
C ILE A 22 -29.56 22.11 18.90
N LEU A 23 -28.31 22.35 19.28
CA LEU A 23 -27.92 23.49 20.11
C LEU A 23 -26.97 24.37 19.31
N PHE A 24 -27.27 25.67 19.25
CA PHE A 24 -26.40 26.66 18.63
C PHE A 24 -25.56 27.32 19.73
N SER A 25 -24.24 27.40 19.51
CA SER A 25 -23.32 27.60 20.63
C SER A 25 -22.05 28.30 20.15
N LYS A 26 -21.19 28.64 21.13
CA LYS A 26 -19.82 29.08 20.91
C LYS A 26 -18.92 28.41 21.95
N THR A 27 -17.67 28.16 21.56
CA THR A 27 -16.75 27.39 22.42
C THR A 27 -16.52 28.10 23.76
N THR A 28 -16.34 29.42 23.72
CA THR A 28 -16.15 30.22 24.93
C THR A 28 -17.46 30.97 25.20
N CYS A 29 -18.38 30.25 25.85
CA CYS A 29 -19.71 30.78 26.15
C CYS A 29 -20.19 30.08 27.41
N PRO A 30 -19.96 30.67 28.57
CA PRO A 30 -20.25 29.96 29.84
C PRO A 30 -21.72 29.58 30.01
N TYR A 31 -22.64 30.30 29.38
CA TYR A 31 -24.05 29.92 29.45
C TYR A 31 -24.35 28.74 28.53
N CYS A 32 -23.68 28.66 27.38
CA CYS A 32 -23.78 27.47 26.55
C CYS A 32 -23.33 26.23 27.32
N LYS A 33 -22.20 26.34 28.04
CA LYS A 33 -21.72 25.24 28.87
C LYS A 33 -22.78 24.82 29.90
N LYS A 34 -23.50 25.80 30.44
CA LYS A 34 -24.57 25.50 31.39
C LYS A 34 -25.64 24.62 30.74
N VAL A 35 -25.96 24.87 29.47
CA VAL A 35 -27.00 24.10 28.82
C VAL A 35 -26.48 22.72 28.41
N LYS A 36 -25.22 22.66 27.95
CA LYS A 36 -24.63 21.37 27.60
C LYS A 36 -24.67 20.42 28.79
N ASP A 37 -24.34 20.92 29.99
CA ASP A 37 -24.26 20.06 31.17
C ASP A 37 -25.64 19.50 31.54
N VAL A 38 -26.70 20.30 31.42
CA VAL A 38 -28.05 19.81 31.73
C VAL A 38 -28.44 18.71 30.75
N LEU A 39 -28.17 18.91 29.46
CA LEU A 39 -28.51 17.89 28.47
C LEU A 39 -27.71 16.61 28.70
N ALA A 40 -26.40 16.72 28.95
CA ALA A 40 -25.59 15.54 29.25
C ALA A 40 -26.10 14.82 30.49
N GLU A 41 -26.42 15.57 31.54
CA GLU A 41 -26.89 14.95 32.77
C GLU A 41 -28.22 14.24 32.57
N ALA A 42 -29.05 14.72 31.64
CA ALA A 42 -30.34 14.11 31.37
C ALA A 42 -30.28 13.04 30.29
N LYS A 43 -29.07 12.72 29.80
CA LYS A 43 -28.87 11.73 28.72
C LYS A 43 -29.64 12.12 27.46
N ILE A 44 -29.68 13.42 27.18
CA ILE A 44 -30.29 13.96 25.97
C ILE A 44 -29.18 14.11 24.92
N LYS A 45 -29.25 13.31 23.86
CA LYS A 45 -28.27 13.43 22.77
C LYS A 45 -28.72 14.50 21.77
N HIS A 46 -27.75 15.21 21.22
CA HIS A 46 -28.07 16.36 20.38
C HIS A 46 -26.87 16.71 19.51
N ALA A 47 -27.17 17.36 18.40
CA ALA A 47 -26.16 18.02 17.59
C ALA A 47 -25.78 19.36 18.22
N THR A 48 -24.59 19.85 17.84
CA THR A 48 -24.07 21.14 18.30
C THR A 48 -23.33 21.82 17.17
N ILE A 49 -23.62 23.10 16.96
CA ILE A 49 -22.92 23.92 15.96
C ILE A 49 -22.28 25.09 16.68
N GLU A 50 -20.94 25.16 16.66
CA GLU A 50 -20.18 26.21 17.34
C GLU A 50 -19.94 27.34 16.35
N LEU A 51 -20.72 28.44 16.48
CA LEU A 51 -20.76 29.45 15.43
C LEU A 51 -19.42 30.15 15.22
N ASP A 52 -18.57 30.21 16.26
CA ASP A 52 -17.27 30.86 16.11
C ASP A 52 -16.31 30.05 15.26
N GLN A 53 -16.55 28.74 15.11
CA GLN A 53 -15.71 27.89 14.28
C GLN A 53 -16.13 27.91 12.81
N LEU A 54 -17.18 28.64 12.46
CA LEU A 54 -17.65 28.70 11.07
C LEU A 54 -17.33 30.06 10.47
N SER A 55 -16.99 30.05 9.19
CA SER A 55 -16.59 31.25 8.47
C SER A 55 -17.60 32.37 8.65
N ASN A 56 -18.88 32.07 8.42
CA ASN A 56 -19.94 33.07 8.46
C ASN A 56 -20.88 32.87 9.65
N GLY A 57 -20.31 32.58 10.83
CA GLY A 57 -21.12 32.47 12.03
C GLY A 57 -21.87 33.75 12.38
N SER A 58 -21.33 34.91 11.97
CA SER A 58 -21.99 36.19 12.25
C SER A 58 -23.31 36.28 11.49
N ALA A 59 -23.30 35.94 10.21
CA ALA A 59 -24.53 35.89 9.44
C ALA A 59 -25.53 34.89 10.04
N ILE A 60 -25.03 33.72 10.45
CA ILE A 60 -25.94 32.69 10.94
C ILE A 60 -26.63 33.16 12.21
N GLN A 61 -25.85 33.80 13.10
CA GLN A 61 -26.40 34.29 14.36
C GLN A 61 -27.55 35.27 14.12
N LYS A 62 -27.40 36.15 13.12
CA LYS A 62 -28.47 37.10 12.80
C LYS A 62 -29.68 36.39 12.20
N CYS A 63 -29.46 35.31 11.43
CA CYS A 63 -30.58 34.63 10.79
C CYS A 63 -31.41 33.83 11.80
N LEU A 64 -30.80 33.41 12.91
CA LEU A 64 -31.53 32.67 13.94
C LEU A 64 -32.73 33.44 14.46
N ALA A 65 -32.65 34.78 14.49
CA ALA A 65 -33.76 35.57 15.04
C ALA A 65 -35.03 35.43 14.22
N SER A 66 -34.90 35.11 12.92
CA SER A 66 -36.09 34.84 12.11
C SER A 66 -36.87 33.65 12.63
N PHE A 67 -36.25 32.82 13.48
CA PHE A 67 -36.88 31.65 14.08
C PHE A 67 -37.24 31.87 15.55
N SER A 68 -36.38 32.53 16.32
CA SER A 68 -36.51 32.61 17.77
C SER A 68 -36.81 34.00 18.29
N LYS A 69 -36.61 35.03 17.45
CA LYS A 69 -36.72 36.44 17.81
C LYS A 69 -35.63 36.90 18.78
N ILE A 70 -34.55 36.13 18.94
CA ILE A 70 -33.36 36.57 19.67
C ILE A 70 -32.13 36.29 18.80
N GLU A 71 -30.98 36.88 19.21
CA GLU A 71 -29.74 36.81 18.44
C GLU A 71 -28.53 36.43 19.29
N THR A 72 -28.75 35.89 20.49
CA THR A 72 -27.65 35.44 21.33
C THR A 72 -27.56 33.91 21.32
N VAL A 73 -26.48 33.40 21.88
CA VAL A 73 -26.32 31.96 22.09
C VAL A 73 -26.34 31.71 23.59
N PRO A 74 -26.79 30.54 24.06
CA PRO A 74 -27.24 29.37 23.31
C PRO A 74 -28.69 29.50 22.83
N GLN A 75 -29.02 28.80 21.75
CA GLN A 75 -30.41 28.58 21.35
C GLN A 75 -30.59 27.09 21.11
N MET A 76 -31.64 26.51 21.69
CA MET A 76 -31.95 25.10 21.54
C MET A 76 -33.22 24.92 20.71
N PHE A 77 -33.18 23.99 19.75
CA PHE A 77 -34.34 23.63 18.94
C PHE A 77 -34.65 22.13 19.03
N VAL A 78 -35.93 21.78 18.84
CA VAL A 78 -36.37 20.40 18.76
C VAL A 78 -37.31 20.27 17.58
N ARG A 79 -36.93 19.44 16.61
CA ARG A 79 -37.77 19.13 15.45
C ARG A 79 -38.41 20.39 14.87
N GLY A 80 -37.57 21.41 14.64
CA GLY A 80 -37.98 22.63 13.97
C GLY A 80 -38.55 23.74 14.84
N LYS A 81 -38.67 23.52 16.16
CA LYS A 81 -39.28 24.46 17.09
C LYS A 81 -38.24 25.00 18.07
N PHE A 82 -38.17 26.33 18.19
CA PHE A 82 -37.30 26.94 19.18
C PHE A 82 -37.82 26.64 20.59
N ILE A 83 -36.93 26.16 21.44
CA ILE A 83 -37.31 25.73 22.79
C ILE A 83 -36.96 26.79 23.83
N GLY A 84 -35.78 27.39 23.77
CA GLY A 84 -35.47 28.49 24.66
C GLY A 84 -33.98 28.78 24.71
N ASP A 85 -33.66 29.80 25.51
CA ASP A 85 -32.30 30.14 25.90
C ASP A 85 -31.94 29.38 27.18
N SER A 86 -30.84 29.76 27.84
CA SER A 86 -30.39 29.01 29.01
C SER A 86 -31.38 29.11 30.17
N GLN A 87 -31.92 30.31 30.44
CA GLN A 87 -32.89 30.43 31.54
C GLN A 87 -34.13 29.57 31.29
N THR A 88 -34.63 29.56 30.05
CA THR A 88 -35.84 28.78 29.74
C THR A 88 -35.56 27.28 29.77
N VAL A 89 -34.39 26.85 29.31
CA VAL A 89 -34.09 25.42 29.34
C VAL A 89 -33.97 24.93 30.77
N LEU A 90 -33.29 25.68 31.63
CA LEU A 90 -33.20 25.30 33.04
C LEU A 90 -34.58 25.23 33.70
N LYS A 91 -35.49 26.14 33.33
CA LYS A 91 -36.85 26.12 33.88
C LYS A 91 -37.56 24.82 33.54
N TYR A 92 -37.46 24.38 32.28
CA TYR A 92 -38.05 23.10 31.88
C TYR A 92 -37.38 21.93 32.62
N TYR A 93 -36.05 22.00 32.77
CA TYR A 93 -35.34 20.98 33.53
C TYR A 93 -35.84 20.93 34.97
N SER A 94 -35.75 22.06 35.67
CA SER A 94 -36.13 22.10 37.08
C SER A 94 -37.56 21.63 37.29
N ASN A 95 -38.46 21.94 36.37
CA ASN A 95 -39.87 21.65 36.53
C ASN A 95 -40.25 20.27 35.99
N ASP A 96 -39.27 19.43 35.66
CA ASP A 96 -39.54 18.07 35.17
C ASP A 96 -40.29 18.08 33.84
N GLU A 97 -40.11 19.13 33.03
CA GLU A 97 -40.80 19.23 31.75
C GLU A 97 -39.91 18.97 30.55
N LEU A 98 -38.59 18.83 30.74
CA LEU A 98 -37.66 18.76 29.60
C LEU A 98 -37.79 17.46 28.84
N ALA A 99 -37.88 16.32 29.54
CA ALA A 99 -37.93 15.02 28.86
C ALA A 99 -39.08 14.95 27.87
N GLY A 100 -40.27 15.41 28.27
CA GLY A 100 -41.41 15.34 27.37
C GLY A 100 -41.35 16.34 26.23
N ILE A 101 -40.59 17.43 26.41
CA ILE A 101 -40.42 18.38 25.33
C ILE A 101 -39.52 17.79 24.24
N VAL A 102 -38.35 17.26 24.62
CA VAL A 102 -37.42 16.73 23.64
C VAL A 102 -37.90 15.44 22.99
N ASN A 103 -38.96 14.82 23.53
CA ASN A 103 -39.51 13.60 22.96
C ASN A 103 -40.75 13.81 22.13
N GLU A 104 -41.34 15.00 22.18
CA GLU A 104 -42.54 15.30 21.40
C GLU A 104 -42.23 15.26 19.90
N SER A 105 -43.04 14.51 19.14
CA SER A 105 -42.81 14.31 17.72
C SER A 105 -44.11 13.97 16.99
N LYS A 106 -44.23 14.47 15.77
CA LYS A 106 -45.34 14.13 14.88
C LYS A 106 -45.30 12.67 14.42
N TYR A 107 -44.16 11.98 14.55
CA TYR A 107 -43.97 10.64 14.01
C TYR A 107 -43.39 9.74 15.09
N ASP A 108 -43.51 8.42 14.88
CA ASP A 108 -42.91 7.45 15.81
C ASP A 108 -41.39 7.61 15.87
N TYR A 109 -40.76 7.83 14.71
CA TYR A 109 -39.31 7.91 14.60
C TYR A 109 -38.91 9.11 13.76
N ASP A 110 -37.77 9.71 14.13
CA ASP A 110 -37.16 10.70 13.26
C ASP A 110 -36.61 10.05 11.98
N LEU A 111 -36.23 8.76 12.04
CA LEU A 111 -35.62 8.08 10.91
C LEU A 111 -36.03 6.61 10.92
N ILE A 112 -36.40 6.07 9.76
CA ILE A 112 -36.57 4.63 9.61
C ILE A 112 -35.63 4.19 8.51
N VAL A 113 -34.73 3.27 8.83
CA VAL A 113 -33.84 2.64 7.84
C VAL A 113 -34.41 1.28 7.47
N ILE A 114 -34.72 1.07 6.18
CA ILE A 114 -35.17 -0.22 5.69
C ILE A 114 -33.96 -0.95 5.12
N GLY A 115 -33.48 -1.95 5.86
CA GLY A 115 -32.32 -2.74 5.48
C GLY A 115 -31.17 -2.60 6.47
N GLY A 116 -30.73 -3.71 7.06
CA GLY A 116 -29.66 -3.68 8.04
C GLY A 116 -28.34 -4.27 7.54
N GLY A 117 -27.81 -3.70 6.45
CA GLY A 117 -26.51 -4.08 5.95
C GLY A 117 -25.46 -2.99 6.10
N SER A 118 -24.48 -3.01 5.19
CA SER A 118 -23.36 -2.07 5.24
C SER A 118 -23.81 -0.61 5.37
N GLY A 119 -24.65 -0.14 4.44
CA GLY A 119 -25.06 1.26 4.46
C GLY A 119 -26.05 1.57 5.57
N GLY A 120 -27.08 0.74 5.71
CA GLY A 120 -28.15 1.05 6.66
C GLY A 120 -27.73 1.03 8.12
N LEU A 121 -26.93 0.04 8.52
CA LEU A 121 -26.41 0.03 9.88
C LEU A 121 -25.56 1.26 10.15
N ALA A 122 -24.72 1.66 9.18
CA ALA A 122 -23.89 2.85 9.35
C ALA A 122 -24.73 4.12 9.43
N ALA A 123 -25.75 4.25 8.56
CA ALA A 123 -26.61 5.42 8.62
C ALA A 123 -27.36 5.51 9.96
N GLY A 124 -27.90 4.38 10.43
CA GLY A 124 -28.71 4.40 11.64
C GLY A 124 -27.92 4.80 12.88
N LYS A 125 -26.73 4.20 13.05
CA LYS A 125 -25.89 4.50 14.22
C LYS A 125 -25.44 5.95 14.22
N GLU A 126 -25.06 6.46 13.06
CA GLU A 126 -24.61 7.85 12.98
C GLU A 126 -25.73 8.83 13.32
N ALA A 127 -26.96 8.54 12.88
CA ALA A 127 -28.08 9.44 13.16
C ALA A 127 -28.43 9.48 14.66
N ALA A 128 -28.44 8.31 15.30
CA ALA A 128 -28.69 8.25 16.74
C ALA A 128 -27.69 9.08 17.54
N LYS A 129 -26.46 9.24 17.04
CA LYS A 129 -25.46 10.04 17.75
C LYS A 129 -25.90 11.48 17.93
N TYR A 130 -26.76 12.00 17.05
CA TYR A 130 -27.19 13.39 17.11
C TYR A 130 -28.60 13.54 17.66
N GLY A 131 -29.10 12.51 18.33
CA GLY A 131 -30.37 12.59 19.02
C GLY A 131 -31.56 12.15 18.20
N ALA A 132 -31.37 11.71 16.96
CA ALA A 132 -32.47 11.24 16.14
C ALA A 132 -33.00 9.91 16.68
N LYS A 133 -34.31 9.84 16.86
CA LYS A 133 -34.97 8.60 17.28
C LYS A 133 -35.08 7.68 16.07
N THR A 134 -34.48 6.50 16.14
CA THR A 134 -34.12 5.73 14.96
C THR A 134 -34.56 4.27 15.10
N ALA A 135 -35.09 3.72 14.01
CA ALA A 135 -35.37 2.29 13.87
C ALA A 135 -34.62 1.73 12.66
N VAL A 136 -34.01 0.55 12.82
CA VAL A 136 -33.39 -0.18 11.71
C VAL A 136 -34.12 -1.50 11.53
N LEU A 137 -34.60 -1.74 10.31
CA LEU A 137 -35.39 -2.92 9.96
C LEU A 137 -34.51 -3.84 9.13
N ASP A 138 -34.46 -5.13 9.47
CA ASP A 138 -33.73 -6.09 8.66
C ASP A 138 -34.42 -7.44 8.65
N TYR A 139 -34.41 -8.06 7.47
CA TYR A 139 -34.99 -9.35 7.14
C TYR A 139 -34.08 -10.07 6.15
N VAL A 140 -34.03 -11.39 6.21
CA VAL A 140 -33.26 -12.18 5.23
C VAL A 140 -34.19 -13.19 4.57
N GLU A 141 -34.62 -12.90 3.34
CA GLU A 141 -35.38 -13.87 2.55
C GLU A 141 -34.54 -15.12 2.29
N PRO A 142 -34.99 -16.32 2.68
CA PRO A 142 -34.16 -17.51 2.48
C PRO A 142 -33.90 -17.79 1.00
N THR A 143 -32.79 -18.48 0.73
CA THR A 143 -32.47 -18.94 -0.61
C THR A 143 -33.41 -20.09 -0.97
N PRO A 144 -33.40 -20.54 -2.24
CA PRO A 144 -34.30 -21.65 -2.61
C PRO A 144 -34.10 -22.94 -1.82
N ILE A 145 -32.88 -23.26 -1.37
CA ILE A 145 -32.70 -24.44 -0.53
C ILE A 145 -32.87 -24.14 0.95
N GLY A 146 -33.19 -22.90 1.34
CA GLY A 146 -33.45 -22.59 2.73
C GLY A 146 -32.36 -21.84 3.50
N THR A 147 -31.23 -21.52 2.88
CA THR A 147 -30.15 -20.86 3.61
C THR A 147 -30.60 -19.48 4.13
N THR A 148 -30.22 -19.16 5.38
CA THR A 148 -30.47 -17.83 5.94
C THR A 148 -29.33 -17.49 6.91
N TRP A 149 -29.34 -16.26 7.44
CA TRP A 149 -28.23 -15.76 8.28
C TRP A 149 -28.69 -14.54 9.09
N GLY A 150 -27.75 -13.89 9.79
CA GLY A 150 -28.06 -12.86 10.77
C GLY A 150 -27.87 -11.42 10.32
N LEU A 151 -27.97 -10.50 11.29
CA LEU A 151 -27.87 -9.06 11.01
C LEU A 151 -26.51 -8.68 10.46
N GLY A 152 -26.50 -7.73 9.51
CA GLY A 152 -25.25 -7.19 8.99
C GLY A 152 -25.10 -7.08 7.47
N GLY A 153 -25.93 -7.81 6.71
CA GLY A 153 -26.01 -7.66 5.27
C GLY A 153 -25.14 -8.62 4.48
N THR A 154 -25.03 -8.30 3.17
CA THR A 154 -24.40 -9.21 2.20
C THR A 154 -22.90 -9.41 2.48
N CYS A 155 -22.16 -8.31 2.69
CA CYS A 155 -20.71 -8.39 2.86
C CYS A 155 -20.35 -9.21 4.11
N VAL A 156 -20.96 -8.87 5.25
CA VAL A 156 -20.70 -9.53 6.53
C VAL A 156 -20.99 -11.03 6.46
N ASN A 157 -22.16 -11.43 5.92
CA ASN A 157 -22.64 -12.81 5.99
C ASN A 157 -22.31 -13.65 4.77
N VAL A 158 -22.37 -13.08 3.55
CA VAL A 158 -22.24 -13.90 2.35
C VAL A 158 -21.46 -13.16 1.26
N GLY A 159 -20.51 -12.31 1.68
CA GLY A 159 -19.76 -11.46 0.75
C GLY A 159 -18.31 -11.27 1.15
N CYS A 160 -17.84 -10.01 1.27
CA CYS A 160 -16.41 -9.73 1.42
C CYS A 160 -15.76 -10.53 2.56
N ILE A 161 -16.42 -10.64 3.71
CA ILE A 161 -15.81 -11.23 4.90
C ILE A 161 -15.57 -12.73 4.70
N PRO A 162 -16.58 -13.58 4.44
CA PRO A 162 -16.27 -15.01 4.25
C PRO A 162 -15.50 -15.29 2.96
N LYS A 163 -15.68 -14.46 1.92
CA LYS A 163 -14.92 -14.63 0.67
C LYS A 163 -13.41 -14.44 0.90
N LYS A 164 -13.02 -13.36 1.63
CA LYS A 164 -11.58 -13.15 1.86
C LYS A 164 -10.99 -14.12 2.88
N LEU A 165 -11.79 -14.62 3.81
CA LEU A 165 -11.28 -15.67 4.70
C LEU A 165 -10.97 -16.94 3.92
N MET A 166 -11.83 -17.28 2.97
CA MET A 166 -11.61 -18.50 2.20
C MET A 166 -10.46 -18.32 1.22
N HIS A 167 -10.33 -17.12 0.63
CA HIS A 167 -9.15 -16.75 -0.15
C HIS A 167 -7.87 -16.96 0.67
N GLN A 168 -7.88 -16.50 1.93
CA GLN A 168 -6.71 -16.65 2.77
C GLN A 168 -6.40 -18.13 3.01
N ALA A 169 -7.42 -18.96 3.22
CA ALA A 169 -7.19 -20.40 3.30
C ALA A 169 -6.51 -20.90 2.03
N GLY A 170 -6.93 -20.40 0.86
CA GLY A 170 -6.28 -20.80 -0.38
C GLY A 170 -4.83 -20.35 -0.45
N LEU A 171 -4.57 -19.08 -0.08
CA LEU A 171 -3.19 -18.56 -0.11
C LEU A 171 -2.26 -19.41 0.75
N LEU A 172 -2.77 -19.93 1.86
CA LEU A 172 -1.91 -20.71 2.74
C LEU A 172 -1.39 -21.99 2.08
N SER A 173 -2.05 -22.52 1.05
CA SER A 173 -1.52 -23.72 0.41
C SER A 173 -0.18 -23.44 -0.28
N HIS A 174 -0.06 -22.27 -0.91
CA HIS A 174 1.22 -21.89 -1.51
C HIS A 174 2.24 -21.50 -0.44
N ALA A 175 1.80 -20.90 0.67
CA ALA A 175 2.70 -20.67 1.80
C ALA A 175 3.34 -21.98 2.30
N LEU A 176 2.53 -23.04 2.42
CA LEU A 176 3.06 -24.35 2.81
C LEU A 176 4.11 -24.86 1.80
N GLU A 177 3.84 -24.73 0.50
CA GLU A 177 4.85 -25.07 -0.50
C GLU A 177 6.11 -24.22 -0.33
N ASP A 178 5.94 -22.89 -0.26
CA ASP A 178 7.10 -22.01 -0.18
C ASP A 178 7.97 -22.32 1.04
N ALA A 179 7.35 -22.78 2.13
CA ALA A 179 8.07 -22.97 3.39
C ALA A 179 9.18 -24.00 3.26
N GLU A 180 8.99 -25.03 2.44
CA GLU A 180 10.06 -26.01 2.22
C GLU A 180 11.32 -25.32 1.71
N HIS A 181 11.17 -24.47 0.70
CA HIS A 181 12.33 -23.86 0.09
C HIS A 181 13.07 -22.94 1.05
N PHE A 182 12.36 -22.38 2.04
CA PHE A 182 12.99 -21.50 3.02
C PHE A 182 13.54 -22.25 4.22
N GLY A 183 13.53 -23.59 4.20
CA GLY A 183 14.21 -24.41 5.20
C GLY A 183 13.33 -25.18 6.17
N TRP A 184 12.00 -25.13 6.05
CA TRP A 184 11.11 -25.83 6.97
C TRP A 184 10.91 -27.27 6.50
N SER A 185 10.71 -28.18 7.46
CA SER A 185 10.81 -29.62 7.22
C SER A 185 9.55 -30.28 6.68
N LEU A 186 8.40 -29.61 6.72
CA LEU A 186 7.16 -30.21 6.25
C LEU A 186 7.27 -30.68 4.79
N ASP A 187 6.36 -31.58 4.42
CA ASP A 187 6.20 -32.09 3.05
C ASP A 187 4.78 -31.75 2.59
N ARG A 188 4.68 -30.76 1.69
CA ARG A 188 3.37 -30.27 1.25
C ARG A 188 2.52 -31.38 0.63
N SER A 189 3.14 -32.39 0.02
CA SER A 189 2.42 -33.43 -0.69
C SER A 189 1.60 -34.32 0.23
N LYS A 190 1.87 -34.35 1.53
CA LYS A 190 1.12 -35.20 2.45
C LYS A 190 0.15 -34.40 3.31
N ILE A 191 -0.17 -33.17 2.94
CA ILE A 191 -1.07 -32.32 3.71
C ILE A 191 -2.36 -32.13 2.91
N SER A 192 -3.49 -32.29 3.57
CA SER A 192 -4.79 -32.10 2.94
C SER A 192 -5.57 -31.03 3.68
N HIS A 193 -6.68 -30.61 3.07
CA HIS A 193 -7.56 -29.58 3.61
C HIS A 193 -8.92 -30.16 3.98
N ASN A 194 -9.46 -29.70 5.12
CA ASN A 194 -10.78 -30.13 5.63
C ASN A 194 -11.75 -28.95 5.48
N TRP A 195 -12.72 -29.08 4.57
CA TRP A 195 -13.63 -27.98 4.25
C TRP A 195 -14.50 -27.59 5.44
N SER A 196 -15.10 -28.58 6.11
CA SER A 196 -16.03 -28.25 7.19
C SER A 196 -15.32 -27.61 8.39
N THR A 197 -14.05 -27.94 8.62
CA THR A 197 -13.29 -27.24 9.65
C THR A 197 -13.13 -25.76 9.30
N MET A 198 -12.79 -25.45 8.04
CA MET A 198 -12.68 -24.06 7.68
C MET A 198 -14.02 -23.34 7.78
N VAL A 199 -15.11 -23.97 7.30
CA VAL A 199 -16.42 -23.34 7.35
C VAL A 199 -16.81 -23.03 8.80
N GLU A 200 -16.53 -23.95 9.73
CA GLU A 200 -16.90 -23.68 11.13
C GLU A 200 -16.17 -22.46 11.67
N GLY A 201 -14.88 -22.32 11.37
CA GLY A 201 -14.14 -21.15 11.84
C GLY A 201 -14.66 -19.85 11.23
N VAL A 202 -14.94 -19.87 9.92
CA VAL A 202 -15.48 -18.69 9.24
C VAL A 202 -16.82 -18.29 9.86
N GLN A 203 -17.72 -19.26 10.03
CA GLN A 203 -19.06 -18.97 10.54
C GLN A 203 -19.03 -18.52 12.00
N SER A 204 -18.04 -18.97 12.76
CA SER A 204 -17.85 -18.44 14.11
C SER A 204 -17.52 -16.96 14.09
N HIS A 205 -16.62 -16.53 13.18
CA HIS A 205 -16.33 -15.11 13.06
C HIS A 205 -17.58 -14.33 12.65
N ILE A 206 -18.33 -14.83 11.67
CA ILE A 206 -19.54 -14.14 11.22
C ILE A 206 -20.53 -14.01 12.38
N GLY A 207 -20.66 -15.06 13.20
CA GLY A 207 -21.58 -15.00 14.33
C GLY A 207 -21.20 -13.94 15.34
N SER A 208 -19.90 -13.79 15.60
CA SER A 208 -19.44 -12.69 16.45
C SER A 208 -19.76 -11.33 15.84
N LEU A 209 -19.82 -11.23 14.51
CA LEU A 209 -20.20 -9.94 13.94
C LEU A 209 -21.72 -9.71 14.00
N ASN A 210 -22.54 -10.75 13.73
CA ASN A 210 -23.98 -10.63 13.93
C ASN A 210 -24.29 -10.08 15.32
N TRP A 211 -23.61 -10.65 16.33
CA TRP A 211 -23.86 -10.26 17.72
C TRP A 211 -23.35 -8.85 17.99
N GLY A 212 -22.17 -8.52 17.46
CA GLY A 212 -21.60 -7.21 17.70
C GLY A 212 -22.49 -6.07 17.23
N TYR A 213 -23.18 -6.26 16.09
CA TYR A 213 -24.10 -5.24 15.59
C TYR A 213 -25.33 -5.07 16.47
N LYS A 214 -25.92 -6.18 16.95
CA LYS A 214 -27.06 -6.04 17.86
C LYS A 214 -26.66 -5.30 19.13
N VAL A 215 -25.48 -5.61 19.66
CA VAL A 215 -24.97 -4.89 20.83
C VAL A 215 -24.77 -3.41 20.50
N ALA A 216 -24.23 -3.11 19.32
CA ALA A 216 -23.96 -1.72 18.96
C ALA A 216 -25.24 -0.92 18.81
N LEU A 217 -26.29 -1.51 18.20
CA LEU A 217 -27.54 -0.78 18.05
C LEU A 217 -28.21 -0.53 19.41
N ARG A 218 -28.22 -1.55 20.28
CA ARG A 218 -28.68 -1.38 21.66
C ARG A 218 -27.93 -0.23 22.36
N ASP A 219 -26.60 -0.29 22.40
CA ASP A 219 -25.84 0.73 23.12
C ASP A 219 -26.03 2.14 22.53
N ASN A 220 -26.48 2.28 21.29
CA ASN A 220 -26.76 3.59 20.71
C ASN A 220 -28.24 3.98 20.77
N GLN A 221 -29.08 3.23 21.49
CA GLN A 221 -30.52 3.49 21.60
C GLN A 221 -31.23 3.44 20.23
N VAL A 222 -30.77 2.59 19.32
CA VAL A 222 -31.47 2.38 18.07
C VAL A 222 -32.39 1.17 18.25
N THR A 223 -33.63 1.30 17.78
CA THR A 223 -34.57 0.19 17.84
C THR A 223 -34.32 -0.76 16.68
N TYR A 224 -34.04 -2.02 16.98
CA TYR A 224 -33.87 -3.04 15.95
C TYR A 224 -35.13 -3.90 15.83
N LEU A 225 -35.73 -3.91 14.62
CA LEU A 225 -36.88 -4.74 14.32
C LEU A 225 -36.49 -5.77 13.26
N ASN A 226 -36.56 -7.05 13.62
CA ASN A 226 -36.37 -8.14 12.65
C ASN A 226 -37.69 -8.32 11.92
N ALA A 227 -37.84 -7.64 10.78
CA ALA A 227 -39.13 -7.54 10.10
C ALA A 227 -38.91 -7.19 8.64
N LYS A 228 -39.84 -7.61 7.79
CA LYS A 228 -39.84 -7.22 6.39
C LYS A 228 -40.60 -5.90 6.24
N GLY A 229 -39.92 -4.88 5.71
CA GLY A 229 -40.48 -3.54 5.61
C GLY A 229 -41.01 -3.23 4.23
N ARG A 230 -42.05 -2.38 4.20
CA ARG A 230 -42.72 -1.97 2.97
C ARG A 230 -43.17 -0.53 3.10
N LEU A 231 -42.74 0.34 2.19
CA LEU A 231 -43.12 1.75 2.24
C LEU A 231 -44.43 1.94 1.48
N ILE A 232 -45.49 2.30 2.21
CA ILE A 232 -46.82 2.40 1.62
C ILE A 232 -47.27 3.84 1.40
N SER A 233 -46.65 4.79 2.08
CA SER A 233 -46.81 6.21 1.78
C SER A 233 -45.53 6.88 2.26
N PRO A 234 -45.33 8.17 1.92
CA PRO A 234 -44.03 8.81 2.22
C PRO A 234 -43.54 8.65 3.65
N HIS A 235 -44.44 8.52 4.62
CA HIS A 235 -44.04 8.48 6.03
C HIS A 235 -44.46 7.21 6.75
N GLU A 236 -45.09 6.24 6.08
CA GLU A 236 -45.58 5.04 6.75
C GLU A 236 -44.88 3.80 6.21
N VAL A 237 -44.36 2.98 7.12
CA VAL A 237 -43.67 1.75 6.77
C VAL A 237 -44.47 0.59 7.37
N GLN A 238 -44.96 -0.29 6.51
CA GLN A 238 -45.62 -1.50 6.98
C GLN A 238 -44.57 -2.57 7.28
N ILE A 239 -44.69 -3.22 8.43
CA ILE A 239 -43.73 -4.23 8.88
C ILE A 239 -44.45 -5.55 9.10
N THR A 240 -43.88 -6.63 8.57
CA THR A 240 -44.45 -7.96 8.74
C THR A 240 -43.51 -8.84 9.56
N ASP A 241 -44.12 -9.61 10.45
CA ASP A 241 -43.53 -10.31 11.58
C ASP A 241 -42.97 -11.66 11.11
N LYS A 242 -42.15 -12.25 11.98
CA LYS A 242 -41.75 -13.64 11.77
C LYS A 242 -42.96 -14.58 11.80
N ASN A 243 -43.98 -14.25 12.61
CA ASN A 243 -45.23 -15.00 12.75
C ASN A 243 -46.33 -14.51 11.80
N GLN A 244 -46.02 -13.54 10.93
CA GLN A 244 -46.92 -12.90 9.95
C GLN A 244 -47.81 -11.82 10.55
N LYS A 245 -47.55 -11.33 11.77
CA LYS A 245 -48.27 -10.18 12.27
C LYS A 245 -47.87 -8.91 11.53
N VAL A 246 -48.87 -8.10 11.17
CA VAL A 246 -48.64 -6.89 10.39
C VAL A 246 -48.98 -5.66 11.24
N SER A 247 -48.28 -4.56 10.96
CA SER A 247 -48.44 -3.30 11.68
C SER A 247 -47.79 -2.19 10.88
N THR A 248 -47.94 -0.94 11.35
CA THR A 248 -47.46 0.24 10.63
C THR A 248 -46.76 1.19 11.58
N ILE A 249 -45.55 1.61 11.23
CA ILE A 249 -44.83 2.65 11.96
C ILE A 249 -44.63 3.84 11.05
N THR A 250 -44.46 5.01 11.66
CA THR A 250 -44.26 6.27 10.93
C THR A 250 -42.88 6.85 11.23
N GLY A 251 -42.32 7.52 10.23
CA GLY A 251 -41.05 8.20 10.40
C GLY A 251 -41.00 9.45 9.56
N ASN A 252 -40.28 10.45 10.08
CA ASN A 252 -40.07 11.69 9.33
C ASN A 252 -39.23 11.43 8.07
N LYS A 253 -38.01 10.91 8.24
CA LYS A 253 -37.13 10.59 7.13
C LYS A 253 -37.04 9.07 6.95
N ILE A 254 -36.85 8.65 5.71
CA ILE A 254 -36.76 7.24 5.33
C ILE A 254 -35.48 7.05 4.53
N ILE A 255 -34.71 6.01 4.86
CA ILE A 255 -33.55 5.63 4.08
C ILE A 255 -33.77 4.21 3.59
N LEU A 256 -33.76 4.03 2.27
CA LEU A 256 -33.85 2.70 1.67
C LEU A 256 -32.43 2.13 1.52
N ALA A 257 -32.23 0.92 2.04
CA ALA A 257 -30.89 0.32 2.04
C ALA A 257 -30.99 -1.21 1.98
N THR A 258 -31.81 -1.72 1.06
CA THR A 258 -32.20 -3.13 1.03
C THR A 258 -31.31 -4.01 0.15
N GLY A 259 -30.30 -3.45 -0.52
CA GLY A 259 -29.31 -4.22 -1.30
C GLY A 259 -29.92 -5.09 -2.42
N GLU A 260 -29.20 -6.16 -2.76
CA GLU A 260 -29.48 -7.01 -3.92
C GLU A 260 -29.37 -8.49 -3.52
N ARG A 261 -29.85 -9.37 -4.38
CA ARG A 261 -29.65 -10.80 -4.22
C ARG A 261 -29.21 -11.42 -5.55
N PRO A 262 -28.61 -12.63 -5.52
CA PRO A 262 -28.14 -13.24 -6.77
C PRO A 262 -29.26 -13.59 -7.74
N LYS A 263 -28.91 -13.51 -9.03
CA LYS A 263 -29.74 -13.90 -10.17
C LYS A 263 -29.53 -15.36 -10.54
N TYR A 264 -30.59 -15.97 -11.11
CA TYR A 264 -30.52 -17.30 -11.71
C TYR A 264 -30.90 -17.22 -13.19
N PRO A 265 -30.20 -17.93 -14.06
CA PRO A 265 -30.66 -18.02 -15.46
C PRO A 265 -31.94 -18.84 -15.56
N GLU A 266 -32.77 -18.50 -16.56
CA GLU A 266 -34.06 -19.15 -16.76
C GLU A 266 -33.87 -20.40 -17.61
N ILE A 267 -33.39 -21.45 -16.97
CA ILE A 267 -33.22 -22.75 -17.61
C ILE A 267 -33.70 -23.84 -16.66
N PRO A 268 -34.19 -24.95 -17.20
CA PRO A 268 -34.67 -26.03 -16.32
C PRO A 268 -33.56 -26.55 -15.42
N GLY A 269 -33.89 -26.77 -14.14
CA GLY A 269 -32.94 -27.34 -13.19
C GLY A 269 -32.04 -26.36 -12.46
N ALA A 270 -32.01 -25.08 -12.87
CA ALA A 270 -31.10 -24.12 -12.24
C ALA A 270 -31.45 -23.87 -10.77
N VAL A 271 -32.71 -23.48 -10.49
CA VAL A 271 -33.13 -23.17 -9.12
C VAL A 271 -33.19 -24.44 -8.27
N GLU A 272 -33.57 -25.56 -8.89
CA GLU A 272 -33.78 -26.79 -8.14
C GLU A 272 -32.46 -27.44 -7.74
N TYR A 273 -31.47 -27.47 -8.64
CA TYR A 273 -30.28 -28.28 -8.39
C TYR A 273 -28.96 -27.51 -8.28
N GLY A 274 -28.90 -26.24 -8.67
CA GLY A 274 -27.71 -25.43 -8.50
C GLY A 274 -27.77 -24.59 -7.22
N ILE A 275 -26.68 -23.86 -6.94
CA ILE A 275 -26.62 -22.94 -5.80
C ILE A 275 -26.03 -21.60 -6.25
N THR A 276 -25.97 -20.64 -5.32
CA THR A 276 -25.26 -19.38 -5.53
C THR A 276 -24.26 -19.15 -4.40
N SER A 277 -23.56 -18.01 -4.48
CA SER A 277 -22.65 -17.60 -3.42
C SER A 277 -23.38 -17.46 -2.07
N ASP A 278 -24.68 -17.14 -2.06
CA ASP A 278 -25.44 -17.07 -0.81
C ASP A 278 -25.39 -18.40 -0.04
N ASP A 279 -25.27 -19.53 -0.75
CA ASP A 279 -25.24 -20.85 -0.12
C ASP A 279 -23.84 -21.34 0.15
N LEU A 280 -22.84 -20.87 -0.61
CA LEU A 280 -21.50 -21.46 -0.59
C LEU A 280 -20.81 -21.25 0.75
N PHE A 281 -20.94 -20.06 1.33
CA PHE A 281 -20.11 -19.75 2.48
C PHE A 281 -20.52 -20.49 3.75
N SER A 282 -21.65 -21.23 3.74
CA SER A 282 -22.00 -22.08 4.87
C SER A 282 -22.34 -23.50 4.43
N LEU A 283 -21.91 -23.90 3.25
CA LEU A 283 -22.21 -25.24 2.72
C LEU A 283 -21.68 -26.32 3.67
N PRO A 284 -22.50 -27.25 4.15
CA PRO A 284 -22.01 -28.20 5.17
C PRO A 284 -21.07 -29.27 4.62
N TYR A 285 -20.93 -29.42 3.29
CA TYR A 285 -20.07 -30.40 2.66
C TYR A 285 -19.20 -29.71 1.61
N PHE A 286 -18.08 -30.34 1.28
CA PHE A 286 -17.22 -29.79 0.22
C PHE A 286 -17.93 -29.89 -1.13
N PRO A 287 -17.93 -28.82 -1.94
CA PRO A 287 -18.58 -28.89 -3.27
C PRO A 287 -18.12 -30.05 -4.14
N GLY A 288 -16.86 -30.49 -4.02
CA GLY A 288 -16.32 -31.50 -4.91
C GLY A 288 -16.08 -30.94 -6.29
N LYS A 289 -16.18 -31.80 -7.31
CA LYS A 289 -16.02 -31.33 -8.68
C LYS A 289 -17.11 -30.32 -9.01
N THR A 290 -16.70 -29.10 -9.36
CA THR A 290 -17.58 -27.94 -9.38
C THR A 290 -17.50 -27.21 -10.71
N LEU A 291 -18.66 -26.75 -11.17
CA LEU A 291 -18.77 -25.86 -12.31
C LEU A 291 -19.28 -24.52 -11.83
N VAL A 292 -18.51 -23.45 -12.11
CA VAL A 292 -18.94 -22.08 -11.86
C VAL A 292 -19.41 -21.49 -13.18
N ILE A 293 -20.65 -21.01 -13.22
CA ILE A 293 -21.23 -20.41 -14.43
C ILE A 293 -21.24 -18.90 -14.27
N GLY A 294 -20.53 -18.19 -15.14
CA GLY A 294 -20.40 -16.76 -15.07
C GLY A 294 -18.95 -16.33 -15.03
N ALA A 295 -18.74 -15.01 -15.06
CA ALA A 295 -17.39 -14.50 -15.22
C ALA A 295 -17.14 -13.17 -14.51
N SER A 296 -18.02 -12.74 -13.61
CA SER A 296 -17.79 -11.62 -12.70
C SER A 296 -16.64 -11.87 -11.72
N TYR A 297 -16.30 -10.86 -10.90
CA TYR A 297 -15.29 -11.10 -9.86
C TYR A 297 -15.79 -12.12 -8.83
N VAL A 298 -17.10 -12.24 -8.65
CA VAL A 298 -17.61 -13.26 -7.72
C VAL A 298 -17.29 -14.65 -8.24
N ALA A 299 -17.57 -14.88 -9.54
CA ALA A 299 -17.27 -16.16 -10.19
C ALA A 299 -15.80 -16.52 -10.07
N LEU A 300 -14.90 -15.59 -10.40
CA LEU A 300 -13.49 -15.94 -10.48
C LEU A 300 -12.85 -16.08 -9.09
N GLU A 301 -13.27 -15.26 -8.13
CA GLU A 301 -12.76 -15.40 -6.77
C GLU A 301 -13.14 -16.76 -6.17
N CYS A 302 -14.39 -17.20 -6.40
CA CYS A 302 -14.84 -18.48 -5.87
C CYS A 302 -14.18 -19.65 -6.60
N ALA A 303 -14.17 -19.63 -7.93
CA ALA A 303 -13.41 -20.63 -8.66
C ALA A 303 -11.97 -20.68 -8.15
N GLY A 304 -11.39 -19.52 -7.89
CA GLY A 304 -10.00 -19.43 -7.45
C GLY A 304 -9.70 -20.11 -6.14
N PHE A 305 -10.41 -19.78 -5.04
CA PHE A 305 -10.03 -20.45 -3.80
C PHE A 305 -10.47 -21.92 -3.79
N LEU A 306 -11.55 -22.28 -4.48
CA LEU A 306 -11.93 -23.71 -4.55
C LEU A 306 -10.83 -24.55 -5.16
N ALA A 307 -10.14 -24.04 -6.19
CA ALA A 307 -9.04 -24.77 -6.80
C ALA A 307 -7.84 -24.87 -5.86
N SER A 308 -7.49 -23.77 -5.18
CA SER A 308 -6.39 -23.79 -4.22
C SER A 308 -6.66 -24.74 -3.05
N LEU A 309 -7.92 -25.07 -2.78
CA LEU A 309 -8.25 -26.00 -1.70
C LEU A 309 -8.39 -27.44 -2.21
N GLY A 310 -7.89 -27.72 -3.41
CA GLY A 310 -7.86 -29.08 -3.92
C GLY A 310 -9.03 -29.47 -4.80
N GLY A 311 -9.87 -28.52 -5.21
CA GLY A 311 -11.04 -28.86 -6.00
C GLY A 311 -10.74 -28.94 -7.50
N ASP A 312 -11.60 -29.70 -8.17
CA ASP A 312 -11.60 -29.88 -9.62
C ASP A 312 -12.62 -28.88 -10.16
N VAL A 313 -12.16 -27.78 -10.77
CA VAL A 313 -12.97 -26.59 -10.99
C VAL A 313 -12.96 -26.19 -12.46
N THR A 314 -14.15 -25.91 -13.01
CA THR A 314 -14.33 -25.36 -14.35
C THR A 314 -15.19 -24.10 -14.26
N VAL A 315 -14.87 -23.10 -15.10
CA VAL A 315 -15.63 -21.86 -15.24
C VAL A 315 -16.17 -21.80 -16.67
N MET A 316 -17.47 -21.57 -16.81
CA MET A 316 -18.11 -21.51 -18.13
C MET A 316 -18.36 -20.03 -18.43
N VAL A 317 -17.68 -19.51 -19.45
CA VAL A 317 -17.62 -18.07 -19.76
C VAL A 317 -18.47 -17.79 -20.99
N ARG A 318 -19.53 -16.98 -20.82
CA ARG A 318 -20.37 -16.59 -21.95
C ARG A 318 -19.54 -15.86 -23.02
N SER A 319 -18.86 -14.77 -22.65
CA SER A 319 -18.07 -13.96 -23.59
C SER A 319 -16.69 -13.62 -23.05
N ILE A 320 -16.57 -12.65 -22.14
CA ILE A 320 -15.27 -12.24 -21.61
C ILE A 320 -15.24 -12.34 -20.08
N LEU A 321 -14.02 -12.35 -19.53
CA LEU A 321 -13.81 -12.23 -18.07
C LEU A 321 -13.90 -10.76 -17.63
N LEU A 322 -14.54 -10.54 -16.48
CA LEU A 322 -14.45 -9.26 -15.78
C LEU A 322 -14.84 -8.09 -16.67
N ARG A 323 -16.01 -8.20 -17.32
CA ARG A 323 -16.55 -7.13 -18.15
C ARG A 323 -16.65 -5.82 -17.36
N GLY A 324 -16.13 -4.73 -17.94
CA GLY A 324 -16.08 -3.45 -17.28
C GLY A 324 -14.77 -3.14 -16.57
N PHE A 325 -13.92 -4.14 -16.33
CA PHE A 325 -12.55 -3.93 -15.88
C PHE A 325 -11.61 -3.90 -17.10
N ASP A 326 -10.43 -3.29 -16.92
CA ASP A 326 -9.39 -3.27 -17.94
C ASP A 326 -9.14 -4.68 -18.49
N GLN A 327 -9.29 -4.84 -19.81
CA GLN A 327 -9.34 -6.20 -20.36
C GLN A 327 -7.95 -6.84 -20.50
N GLN A 328 -6.88 -6.04 -20.64
CA GLN A 328 -5.54 -6.61 -20.55
C GLN A 328 -5.30 -7.22 -19.16
N MET A 329 -5.75 -6.54 -18.10
CA MET A 329 -5.52 -7.08 -16.75
C MET A 329 -6.38 -8.31 -16.50
N ALA A 330 -7.64 -8.28 -16.95
CA ALA A 330 -8.53 -9.43 -16.83
C ALA A 330 -7.93 -10.68 -17.45
N GLU A 331 -7.29 -10.52 -18.61
CA GLU A 331 -6.74 -11.68 -19.30
C GLU A 331 -5.51 -12.22 -18.57
N LYS A 332 -4.66 -11.34 -18.02
CA LYS A 332 -3.58 -11.82 -17.18
C LYS A 332 -4.11 -12.55 -15.94
N VAL A 333 -5.18 -12.04 -15.33
CA VAL A 333 -5.79 -12.68 -14.17
C VAL A 333 -6.23 -14.10 -14.52
N GLY A 334 -6.89 -14.27 -15.66
CA GLY A 334 -7.41 -15.58 -16.04
C GLY A 334 -6.32 -16.53 -16.51
N ASP A 335 -5.31 -16.00 -17.21
CA ASP A 335 -4.14 -16.81 -17.59
C ASP A 335 -3.45 -17.38 -16.37
N TYR A 336 -3.32 -16.60 -15.29
CA TYR A 336 -2.70 -17.14 -14.09
C TYR A 336 -3.54 -18.27 -13.49
N MET A 337 -4.87 -18.08 -13.44
CA MET A 337 -5.74 -19.13 -12.92
C MET A 337 -5.67 -20.41 -13.75
N GLU A 338 -5.66 -20.27 -15.08
CA GLU A 338 -5.57 -21.44 -15.95
C GLU A 338 -4.23 -22.17 -15.77
N ASN A 339 -3.15 -21.45 -15.46
CA ASN A 339 -1.88 -22.11 -15.22
C ASN A 339 -1.83 -22.80 -13.88
N HIS A 340 -2.65 -22.39 -12.93
CA HIS A 340 -2.68 -23.02 -11.61
C HIS A 340 -3.96 -23.82 -11.38
N GLY A 341 -4.45 -24.53 -12.40
CA GLY A 341 -5.44 -25.58 -12.23
C GLY A 341 -6.88 -25.28 -12.63
N VAL A 342 -7.29 -24.01 -12.81
CA VAL A 342 -8.68 -23.74 -13.17
C VAL A 342 -8.88 -23.96 -14.66
N LYS A 343 -9.90 -24.75 -15.02
CA LYS A 343 -10.26 -24.99 -16.41
C LYS A 343 -11.34 -24.00 -16.84
N PHE A 344 -11.31 -23.61 -18.10
CA PHE A 344 -12.26 -22.66 -18.67
C PHE A 344 -12.96 -23.27 -19.88
N ALA A 345 -14.28 -23.10 -19.96
CA ALA A 345 -15.08 -23.44 -21.13
C ALA A 345 -15.57 -22.11 -21.71
N LYS A 346 -14.90 -21.66 -22.77
CA LYS A 346 -15.02 -20.29 -23.24
C LYS A 346 -16.04 -20.18 -24.36
N LEU A 347 -16.72 -19.04 -24.42
CA LEU A 347 -17.80 -18.79 -25.39
C LEU A 347 -18.87 -19.87 -25.28
N CYS A 348 -19.29 -20.15 -24.03
CA CYS A 348 -20.15 -21.27 -23.72
C CYS A 348 -21.24 -20.83 -22.74
N VAL A 349 -22.42 -21.42 -22.91
CA VAL A 349 -23.63 -21.04 -22.20
C VAL A 349 -24.38 -22.31 -21.79
N PRO A 350 -25.05 -22.34 -20.62
CA PRO A 350 -25.76 -23.55 -20.19
C PRO A 350 -27.21 -23.62 -20.67
N ASP A 351 -27.65 -24.83 -21.01
CA ASP A 351 -29.03 -25.05 -21.46
C ASP A 351 -29.91 -25.76 -20.45
N GLU A 352 -29.39 -26.69 -19.66
CA GLU A 352 -30.19 -27.29 -18.59
C GLU A 352 -29.30 -28.05 -17.60
N ILE A 353 -29.81 -28.20 -16.38
CA ILE A 353 -29.21 -29.02 -15.32
C ILE A 353 -30.14 -30.19 -15.03
N LYS A 354 -29.59 -31.42 -15.01
CA LYS A 354 -30.36 -32.62 -14.69
C LYS A 354 -29.79 -33.28 -13.44
N GLN A 355 -30.68 -33.82 -12.60
CA GLN A 355 -30.26 -34.46 -11.35
C GLN A 355 -29.97 -35.93 -11.55
N LEU A 356 -28.74 -36.35 -11.23
CA LEU A 356 -28.34 -37.75 -11.24
C LEU A 356 -28.32 -38.38 -9.85
N LYS A 357 -27.91 -37.62 -8.83
CA LYS A 357 -27.99 -38.02 -7.42
C LYS A 357 -28.57 -36.86 -6.61
N VAL A 358 -29.39 -37.20 -5.59
CA VAL A 358 -29.89 -36.23 -4.61
C VAL A 358 -28.79 -35.96 -3.57
N VAL A 359 -28.75 -34.72 -3.05
CA VAL A 359 -27.80 -34.38 -1.99
C VAL A 359 -28.05 -35.24 -0.75
N ASP A 360 -26.97 -35.80 -0.19
CA ASP A 360 -27.03 -36.68 0.98
C ASP A 360 -26.76 -35.87 2.24
N THR A 361 -27.83 -35.29 2.81
CA THR A 361 -27.70 -34.46 4.00
C THR A 361 -27.12 -35.24 5.18
N GLU A 362 -27.57 -36.48 5.35
CA GLU A 362 -27.14 -37.30 6.48
C GLU A 362 -25.63 -37.51 6.45
N ASN A 363 -25.13 -38.17 5.41
CA ASN A 363 -23.70 -38.48 5.27
C ASN A 363 -22.86 -37.28 4.86
N ASN A 364 -23.49 -36.12 4.60
CA ASN A 364 -22.78 -34.88 4.37
C ASN A 364 -21.95 -34.92 3.08
N LYS A 365 -22.65 -35.10 1.95
CA LYS A 365 -21.99 -35.28 0.67
C LYS A 365 -22.82 -34.61 -0.41
N PRO A 366 -22.19 -34.05 -1.43
CA PRO A 366 -22.94 -33.43 -2.52
C PRO A 366 -23.70 -34.50 -3.32
N GLY A 367 -24.57 -34.04 -4.23
CA GLY A 367 -25.22 -34.95 -5.16
C GLY A 367 -24.41 -35.13 -6.43
N LEU A 368 -25.10 -35.22 -7.57
CA LEU A 368 -24.46 -35.36 -8.88
C LEU A 368 -25.39 -34.82 -9.95
N LEU A 369 -24.83 -34.06 -10.89
CA LEU A 369 -25.60 -33.35 -11.90
C LEU A 369 -25.00 -33.58 -13.28
N LEU A 370 -25.85 -33.51 -14.30
CA LEU A 370 -25.41 -33.47 -15.69
C LEU A 370 -25.73 -32.09 -16.24
N VAL A 371 -24.72 -31.39 -16.75
CA VAL A 371 -24.87 -30.04 -17.31
C VAL A 371 -24.77 -30.13 -18.83
N LYS A 372 -25.78 -29.58 -19.52
CA LYS A 372 -25.83 -29.53 -20.98
C LYS A 372 -25.85 -28.08 -21.43
N GLY A 373 -25.11 -27.78 -22.50
CA GLY A 373 -25.02 -26.43 -23.03
C GLY A 373 -24.46 -26.41 -24.44
N HIS A 374 -24.07 -25.21 -24.91
CA HIS A 374 -23.53 -25.08 -26.27
C HIS A 374 -22.61 -23.89 -26.41
N TYR A 375 -21.57 -24.06 -27.23
CA TYR A 375 -20.65 -23.01 -27.64
C TYR A 375 -21.27 -22.12 -28.73
N THR A 376 -20.69 -20.92 -28.91
CA THR A 376 -21.34 -19.95 -29.79
C THR A 376 -21.33 -20.38 -31.26
N ASP A 377 -20.50 -21.35 -31.64
CA ASP A 377 -20.48 -21.89 -32.99
C ASP A 377 -21.46 -23.05 -33.18
N GLY A 378 -22.17 -23.47 -32.14
CA GLY A 378 -23.15 -24.53 -32.21
C GLY A 378 -22.72 -25.87 -31.63
N LYS A 379 -21.43 -26.10 -31.41
CA LYS A 379 -21.00 -27.37 -30.82
C LYS A 379 -21.59 -27.54 -29.42
N LYS A 380 -21.62 -28.79 -28.96
CA LYS A 380 -22.35 -29.16 -27.75
C LYS A 380 -21.43 -29.28 -26.55
N PHE A 381 -21.95 -28.89 -25.38
CA PHE A 381 -21.29 -29.09 -24.09
C PHE A 381 -22.07 -30.12 -23.28
N GLU A 382 -21.38 -31.13 -22.73
CA GLU A 382 -22.03 -32.10 -21.86
C GLU A 382 -21.01 -32.69 -20.91
N GLU A 383 -21.25 -32.54 -19.59
CA GLU A 383 -20.31 -33.00 -18.59
C GLU A 383 -21.02 -33.08 -17.23
N GLU A 384 -20.51 -33.97 -16.36
CA GLU A 384 -21.07 -34.21 -15.03
C GLU A 384 -20.33 -33.39 -13.97
N PHE A 385 -21.08 -32.87 -12.97
CA PHE A 385 -20.49 -32.14 -11.86
C PHE A 385 -21.24 -32.47 -10.56
N GLU A 386 -20.55 -32.35 -9.42
CA GLU A 386 -21.21 -32.54 -8.12
C GLU A 386 -21.93 -31.28 -7.65
N THR A 387 -21.45 -30.10 -8.04
CA THR A 387 -21.98 -28.81 -7.61
C THR A 387 -21.89 -27.84 -8.77
N VAL A 388 -22.92 -27.04 -8.96
CA VAL A 388 -22.98 -26.03 -10.02
C VAL A 388 -23.34 -24.71 -9.35
N ILE A 389 -22.42 -23.75 -9.38
CA ILE A 389 -22.62 -22.43 -8.78
C ILE A 389 -22.93 -21.42 -9.87
N PHE A 390 -24.04 -20.71 -9.73
CA PHE A 390 -24.42 -19.63 -10.64
C PHE A 390 -23.93 -18.29 -10.09
N ALA A 391 -23.09 -17.60 -10.87
CA ALA A 391 -22.62 -16.26 -10.56
C ALA A 391 -22.82 -15.42 -11.81
N VAL A 392 -24.07 -15.08 -12.10
CA VAL A 392 -24.45 -14.42 -13.35
C VAL A 392 -25.11 -13.07 -13.03
N GLY A 393 -24.76 -12.48 -11.90
CA GLY A 393 -25.18 -11.13 -11.58
C GLY A 393 -26.11 -11.08 -10.39
N ARG A 394 -26.36 -9.84 -9.94
CA ARG A 394 -27.23 -9.56 -8.81
C ARG A 394 -28.22 -8.46 -9.20
N GLU A 395 -29.32 -8.38 -8.48
CA GLU A 395 -30.37 -7.42 -8.83
C GLU A 395 -31.16 -7.05 -7.58
N PRO A 396 -31.72 -5.85 -7.52
CA PRO A 396 -32.57 -5.48 -6.38
C PRO A 396 -33.97 -6.08 -6.53
N GLN A 397 -34.72 -6.05 -5.43
CA GLN A 397 -36.09 -6.56 -5.44
C GLN A 397 -37.01 -5.50 -4.83
N LEU A 398 -37.08 -4.34 -5.48
CA LEU A 398 -37.75 -3.18 -4.89
C LEU A 398 -39.26 -3.24 -5.03
N SER A 399 -39.79 -4.05 -5.95
CA SER A 399 -41.23 -4.26 -5.99
C SER A 399 -41.75 -4.83 -4.66
N LYS A 400 -40.90 -5.55 -3.92
CA LYS A 400 -41.26 -6.06 -2.61
C LYS A 400 -41.17 -5.00 -1.52
N VAL A 401 -40.54 -3.85 -1.81
CA VAL A 401 -40.27 -2.85 -0.79
C VAL A 401 -41.09 -1.58 -0.99
N LEU A 402 -41.55 -1.31 -2.19
CA LEU A 402 -41.90 0.04 -2.62
C LEU A 402 -43.23 0.00 -3.36
N CYS A 403 -44.32 0.30 -2.66
CA CYS A 403 -45.61 0.40 -3.32
C CYS A 403 -45.57 1.43 -4.44
N GLU A 404 -46.19 1.09 -5.57
CA GLU A 404 -46.14 1.94 -6.77
C GLU A 404 -46.61 3.37 -6.47
N THR A 405 -47.67 3.49 -5.68
CA THR A 405 -48.31 4.78 -5.47
C THR A 405 -47.47 5.76 -4.67
N VAL A 406 -46.36 5.31 -4.07
CA VAL A 406 -45.57 6.21 -3.24
C VAL A 406 -44.90 7.27 -4.09
N GLY A 407 -44.53 6.94 -5.33
CA GLY A 407 -43.92 7.91 -6.21
C GLY A 407 -42.40 7.93 -6.26
N VAL A 408 -41.72 6.87 -5.80
CA VAL A 408 -40.25 6.80 -5.87
C VAL A 408 -39.85 6.26 -7.24
N LYS A 409 -39.13 7.08 -8.01
CA LYS A 409 -38.78 6.71 -9.38
C LYS A 409 -37.62 5.72 -9.42
N LEU A 410 -37.74 4.70 -10.28
CA LEU A 410 -36.69 3.71 -10.53
C LEU A 410 -36.26 3.79 -12.00
N ASP A 411 -35.05 3.30 -12.29
CA ASP A 411 -34.57 3.25 -13.66
C ASP A 411 -34.97 1.91 -14.28
N LYS A 412 -34.41 1.57 -15.44
CA LYS A 412 -34.84 0.37 -16.17
C LYS A 412 -34.28 -0.93 -15.58
N ASN A 413 -33.18 -0.87 -14.84
CA ASN A 413 -32.68 -2.00 -14.06
C ASN A 413 -33.37 -2.15 -12.70
N GLY A 414 -34.27 -1.24 -12.34
CA GLY A 414 -34.94 -1.34 -11.06
C GLY A 414 -34.21 -0.71 -9.89
N ARG A 415 -33.19 0.10 -10.15
CA ARG A 415 -32.48 0.82 -9.10
C ARG A 415 -33.09 2.20 -8.93
N VAL A 416 -32.81 2.84 -7.79
CA VAL A 416 -33.46 4.10 -7.42
C VAL A 416 -32.69 5.27 -8.01
N VAL A 417 -33.40 6.18 -8.68
CA VAL A 417 -32.82 7.39 -9.25
C VAL A 417 -32.73 8.46 -8.17
N CYS A 418 -31.51 8.94 -7.89
CA CYS A 418 -31.21 9.80 -6.75
C CYS A 418 -30.46 11.04 -7.19
N THR A 419 -30.67 12.16 -6.49
CA THR A 419 -29.80 13.31 -6.69
C THR A 419 -28.43 13.06 -6.05
N ASP A 420 -27.50 14.00 -6.27
CA ASP A 420 -26.16 13.85 -5.73
C ASP A 420 -26.11 13.93 -4.19
N ASP A 421 -27.23 14.17 -3.51
CA ASP A 421 -27.28 14.08 -2.06
C ASP A 421 -28.14 12.90 -1.59
N GLU A 422 -28.31 11.90 -2.47
CA GLU A 422 -29.05 10.66 -2.23
C GLU A 422 -30.57 10.84 -2.13
N GLN A 423 -31.10 12.04 -2.41
CA GLN A 423 -32.55 12.25 -2.37
C GLN A 423 -33.24 11.55 -3.54
N THR A 424 -34.35 10.85 -3.27
CA THR A 424 -35.19 10.26 -4.31
C THR A 424 -36.17 11.29 -4.84
N THR A 425 -37.15 10.86 -5.65
CA THR A 425 -38.16 11.78 -6.15
C THR A 425 -39.20 12.16 -5.09
N VAL A 426 -39.14 11.56 -3.89
CA VAL A 426 -40.01 11.87 -2.77
C VAL A 426 -39.15 12.52 -1.69
N SER A 427 -39.50 13.76 -1.32
CA SER A 427 -38.50 14.66 -0.74
C SER A 427 -37.95 14.21 0.61
N ASN A 428 -38.67 13.35 1.35
CA ASN A 428 -38.17 12.87 2.65
C ASN A 428 -37.57 11.46 2.57
N VAL A 429 -37.46 10.89 1.38
CA VAL A 429 -37.01 9.51 1.19
C VAL A 429 -35.69 9.53 0.43
N TYR A 430 -34.69 8.83 0.96
CA TYR A 430 -33.35 8.73 0.38
C TYR A 430 -33.00 7.26 0.17
N ALA A 431 -31.99 7.01 -0.68
CA ALA A 431 -31.51 5.66 -0.91
C ALA A 431 -29.98 5.66 -0.90
N ILE A 432 -29.40 4.54 -0.43
CA ILE A 432 -27.95 4.38 -0.34
C ILE A 432 -27.57 2.95 -0.70
N GLY A 433 -26.30 2.76 -1.04
CA GLY A 433 -25.77 1.43 -1.21
C GLY A 433 -26.03 0.91 -2.61
N ASP A 434 -26.12 -0.42 -2.75
CA ASP A 434 -26.18 -1.05 -4.07
C ASP A 434 -27.41 -0.62 -4.89
N ILE A 435 -28.50 -0.18 -4.24
CA ILE A 435 -29.72 0.15 -4.98
C ILE A 435 -29.73 1.57 -5.50
N ASN A 436 -28.74 2.40 -5.14
CA ASN A 436 -28.61 3.75 -5.71
C ASN A 436 -28.05 3.62 -7.12
N ALA A 437 -28.85 3.94 -8.13
CA ALA A 437 -28.47 3.73 -9.53
C ALA A 437 -27.17 4.46 -9.90
N GLY A 438 -26.31 3.77 -10.64
CA GLY A 438 -25.11 4.36 -11.22
C GLY A 438 -23.92 4.48 -10.29
N LYS A 439 -24.04 4.07 -9.01
CA LYS A 439 -22.93 4.20 -8.05
C LYS A 439 -22.12 2.91 -7.96
N PRO A 440 -20.83 3.01 -7.61
CA PRO A 440 -20.05 1.79 -7.35
C PRO A 440 -20.67 0.96 -6.24
N GLN A 441 -20.75 -0.35 -6.46
CA GLN A 441 -21.45 -1.24 -5.55
C GLN A 441 -20.41 -1.90 -4.63
N LEU A 442 -20.05 -1.16 -3.57
CA LEU A 442 -18.98 -1.59 -2.68
C LEU A 442 -19.33 -1.22 -1.25
N THR A 443 -18.85 -2.01 -0.32
CA THR A 443 -19.18 -1.79 1.09
C THR A 443 -18.68 -0.44 1.62
N PRO A 444 -17.41 -0.04 1.44
CA PRO A 444 -16.98 1.26 1.99
C PRO A 444 -17.70 2.46 1.40
N VAL A 445 -18.19 2.34 0.17
CA VAL A 445 -18.98 3.40 -0.44
C VAL A 445 -20.34 3.55 0.25
N ALA A 446 -21.02 2.42 0.48
CA ALA A 446 -22.31 2.45 1.17
C ALA A 446 -22.17 3.02 2.59
N ILE A 447 -21.08 2.66 3.29
CA ILE A 447 -20.81 3.20 4.62
C ILE A 447 -20.56 4.71 4.57
N GLN A 448 -19.71 5.17 3.65
CA GLN A 448 -19.46 6.62 3.54
C GLN A 448 -20.75 7.38 3.24
N ALA A 449 -21.54 6.88 2.29
CA ALA A 449 -22.79 7.54 1.92
C ALA A 449 -23.76 7.61 3.10
N GLY A 450 -23.89 6.53 3.86
CA GLY A 450 -24.83 6.51 4.97
C GLY A 450 -24.42 7.40 6.12
N ARG A 451 -23.13 7.41 6.47
CA ARG A 451 -22.66 8.30 7.53
C ARG A 451 -22.78 9.76 7.12
N TYR A 452 -22.34 10.10 5.91
CA TYR A 452 -22.39 11.49 5.46
C TYR A 452 -23.84 11.99 5.37
N LEU A 453 -24.76 11.16 4.87
CA LEU A 453 -26.16 11.55 4.78
C LEU A 453 -26.75 11.83 6.16
N ALA A 454 -26.55 10.91 7.11
CA ALA A 454 -27.05 11.11 8.47
C ALA A 454 -26.57 12.43 9.05
N ARG A 455 -25.33 12.83 8.74
CA ARG A 455 -24.81 14.10 9.25
C ARG A 455 -25.51 15.29 8.63
N ARG A 456 -25.79 15.24 7.32
CA ARG A 456 -26.52 16.33 6.67
C ARG A 456 -27.95 16.45 7.22
N LEU A 457 -28.62 15.32 7.49
CA LEU A 457 -30.02 15.37 7.92
C LEU A 457 -30.14 15.89 9.35
N PHE A 458 -29.26 15.46 10.24
CA PHE A 458 -29.49 15.67 11.66
C PHE A 458 -28.44 16.53 12.34
N ALA A 459 -27.38 16.95 11.64
CA ALA A 459 -26.32 17.75 12.25
C ALA A 459 -25.91 18.96 11.41
N GLY A 460 -26.67 19.35 10.40
CA GLY A 460 -26.34 20.53 9.63
C GLY A 460 -25.13 20.44 8.73
N ALA A 461 -24.54 19.24 8.55
CA ALA A 461 -23.36 19.13 7.70
C ALA A 461 -23.71 19.37 6.24
N THR A 462 -22.70 19.70 5.45
CA THR A 462 -22.92 19.90 4.03
C THR A 462 -22.07 19.01 3.14
N GLU A 463 -21.12 18.26 3.71
CA GLU A 463 -20.23 17.44 2.89
C GLU A 463 -21.01 16.36 2.15
N LEU A 464 -20.74 16.23 0.84
CA LEU A 464 -21.31 15.18 0.01
C LEU A 464 -20.31 14.04 -0.20
N THR A 465 -20.83 12.85 -0.51
CA THR A 465 -19.98 11.72 -0.83
C THR A 465 -19.43 11.85 -2.26
N ASP A 466 -18.14 11.55 -2.43
CA ASP A 466 -17.44 11.62 -3.73
C ASP A 466 -17.33 10.21 -4.28
N TYR A 467 -18.09 9.90 -5.33
CA TYR A 467 -18.10 8.58 -5.93
C TYR A 467 -17.04 8.41 -7.04
N SER A 468 -16.18 9.39 -7.29
CA SER A 468 -15.24 9.28 -8.39
C SER A 468 -13.90 8.63 -7.99
N ASN A 469 -13.35 7.82 -8.91
CA ASN A 469 -12.01 7.26 -8.78
C ASN A 469 -11.87 6.41 -7.50
N VAL A 470 -12.88 5.57 -7.23
CA VAL A 470 -12.87 4.74 -6.03
C VAL A 470 -12.10 3.46 -6.33
N ALA A 471 -11.05 3.18 -5.56
CA ALA A 471 -10.21 2.02 -5.86
C ALA A 471 -10.94 0.71 -5.51
N THR A 472 -10.56 -0.36 -6.23
CA THR A 472 -11.13 -1.70 -6.10
C THR A 472 -10.00 -2.73 -5.94
N THR A 473 -10.34 -3.92 -5.44
CA THR A 473 -9.42 -5.06 -5.53
C THR A 473 -10.19 -6.35 -5.79
N VAL A 474 -9.76 -7.12 -6.79
CA VAL A 474 -10.30 -8.43 -7.11
C VAL A 474 -9.40 -9.47 -6.48
N PHE A 475 -9.97 -10.28 -5.58
CA PHE A 475 -9.17 -11.21 -4.78
C PHE A 475 -9.11 -12.60 -5.40
N THR A 476 -8.67 -12.66 -6.67
CA THR A 476 -8.31 -13.90 -7.34
C THR A 476 -6.98 -14.45 -6.76
N PRO A 477 -6.59 -15.70 -7.11
CA PRO A 477 -5.35 -16.25 -6.54
C PRO A 477 -4.12 -15.34 -6.68
N LEU A 478 -3.92 -14.72 -7.83
CA LEU A 478 -3.09 -13.52 -7.93
C LEU A 478 -4.02 -12.30 -7.98
N GLU A 479 -3.88 -11.40 -7.02
CA GLU A 479 -4.83 -10.31 -6.84
C GLU A 479 -4.63 -9.18 -7.85
N TYR A 480 -5.72 -8.43 -8.11
CA TYR A 480 -5.73 -7.36 -9.10
C TYR A 480 -6.33 -6.10 -8.47
N GLY A 481 -5.50 -5.11 -8.19
CA GLY A 481 -5.95 -3.85 -7.65
C GLY A 481 -5.94 -2.76 -8.71
N ALA A 482 -6.88 -1.80 -8.58
CA ALA A 482 -7.04 -0.77 -9.61
C ALA A 482 -7.66 0.48 -9.01
N CYS A 483 -7.37 1.63 -9.64
CA CYS A 483 -7.97 2.90 -9.26
C CYS A 483 -7.99 3.84 -10.45
N GLY A 484 -9.21 4.24 -10.90
CA GLY A 484 -9.39 5.13 -12.04
C GLY A 484 -9.77 4.43 -13.33
N LEU A 485 -9.38 4.98 -14.48
CA LEU A 485 -9.81 4.46 -15.78
C LEU A 485 -8.97 3.27 -16.24
N SER A 486 -9.63 2.29 -16.88
CA SER A 486 -8.92 1.31 -17.69
C SER A 486 -8.21 1.98 -18.88
N GLU A 487 -7.30 1.22 -19.51
CA GLU A 487 -6.57 1.79 -20.62
C GLU A 487 -7.50 2.06 -21.82
N GLU A 488 -8.38 1.12 -22.15
CA GLU A 488 -9.28 1.32 -23.30
C GLU A 488 -10.28 2.45 -23.07
N ASP A 489 -10.73 2.65 -21.82
CA ASP A 489 -11.61 3.78 -21.54
C ASP A 489 -10.91 5.10 -21.72
N ALA A 490 -9.64 5.19 -21.29
CA ALA A 490 -8.90 6.44 -21.40
C ALA A 490 -8.65 6.82 -22.86
N ILE A 491 -8.29 5.82 -23.69
CA ILE A 491 -8.12 6.05 -25.13
C ILE A 491 -9.45 6.44 -25.78
N GLU A 492 -10.53 5.76 -25.43
CA GLU A 492 -11.83 6.14 -25.99
C GLU A 492 -12.21 7.58 -25.65
N LYS A 493 -11.83 8.07 -24.47
CA LYS A 493 -12.26 9.38 -24.01
C LYS A 493 -11.37 10.53 -24.50
N TYR A 494 -10.08 10.28 -24.73
CA TYR A 494 -9.15 11.35 -25.09
C TYR A 494 -8.44 11.12 -26.40
N GLY A 495 -8.49 9.93 -26.96
CA GLY A 495 -7.76 9.59 -28.17
C GLY A 495 -6.40 9.02 -27.87
N ASP A 496 -5.96 8.13 -28.75
CA ASP A 496 -4.74 7.37 -28.52
C ASP A 496 -3.49 8.24 -28.48
N LYS A 497 -3.45 9.34 -29.22
CA LYS A 497 -2.23 10.13 -29.28
C LYS A 497 -2.01 10.97 -28.02
N ASP A 498 -3.06 11.24 -27.27
CA ASP A 498 -3.00 11.95 -25.99
C ASP A 498 -2.82 11.02 -24.77
N ILE A 499 -2.51 9.74 -24.98
CA ILE A 499 -2.44 8.76 -23.89
C ILE A 499 -1.09 8.08 -23.92
N GLU A 500 -0.40 8.09 -22.77
CA GLU A 500 0.88 7.42 -22.58
C GLU A 500 0.74 6.40 -21.45
N VAL A 501 1.25 5.19 -21.67
CA VAL A 501 1.16 4.11 -20.70
C VAL A 501 2.57 3.67 -20.31
N TYR A 502 2.89 3.78 -19.02
CA TYR A 502 4.15 3.26 -18.46
C TYR A 502 3.87 1.93 -17.78
N HIS A 503 4.69 0.91 -18.04
CA HIS A 503 4.40 -0.40 -17.48
C HIS A 503 5.69 -1.14 -17.19
N SER A 504 5.57 -2.19 -16.38
CA SER A 504 6.71 -3.05 -16.04
C SER A 504 6.21 -4.33 -15.40
N ASN A 505 6.88 -5.44 -15.72
CA ASN A 505 6.79 -6.65 -14.94
C ASN A 505 7.61 -6.53 -13.65
N PHE A 506 7.33 -7.41 -12.70
CA PHE A 506 8.16 -7.49 -11.51
C PHE A 506 8.00 -8.88 -10.89
N LYS A 507 8.97 -9.24 -10.07
CA LYS A 507 8.95 -10.48 -9.31
C LYS A 507 9.06 -10.12 -7.84
N PRO A 508 8.12 -10.54 -6.98
CA PRO A 508 8.29 -10.29 -5.54
C PRO A 508 9.54 -11.00 -5.02
N LEU A 509 10.28 -10.32 -4.13
CA LEU A 509 11.48 -10.94 -3.55
C LEU A 509 11.16 -12.29 -2.91
N GLU A 510 10.01 -12.39 -2.24
CA GLU A 510 9.59 -13.63 -1.60
C GLU A 510 9.42 -14.79 -2.60
N TRP A 511 9.35 -14.52 -3.90
CA TRP A 511 9.16 -15.58 -4.89
C TRP A 511 10.48 -16.14 -5.40
N THR A 512 11.61 -15.52 -5.06
CA THR A 512 12.88 -15.92 -5.62
C THR A 512 13.31 -17.27 -5.08
N VAL A 513 13.50 -17.36 -3.76
CA VAL A 513 13.92 -18.62 -3.15
C VAL A 513 12.84 -19.69 -3.32
N ALA A 514 11.58 -19.29 -3.46
CA ALA A 514 10.49 -20.23 -3.67
C ALA A 514 10.35 -20.70 -5.11
N HIS A 515 11.18 -20.19 -6.04
CA HIS A 515 11.17 -20.61 -7.45
C HIS A 515 9.78 -20.45 -8.10
N ARG A 516 9.15 -19.29 -7.89
CA ARG A 516 7.90 -18.95 -8.57
C ARG A 516 8.21 -18.12 -9.83
N GLU A 517 7.18 -17.72 -10.58
CA GLU A 517 7.35 -17.24 -11.95
C GLU A 517 8.01 -15.86 -12.03
N ASP A 518 8.80 -15.66 -13.09
CA ASP A 518 9.66 -14.47 -13.22
C ASP A 518 8.88 -13.24 -13.69
N ASN A 519 7.96 -13.40 -14.64
CA ASN A 519 7.39 -12.27 -15.37
C ASN A 519 5.88 -12.38 -15.41
N VAL A 520 5.25 -12.71 -14.29
CA VAL A 520 3.80 -12.81 -14.25
C VAL A 520 3.16 -11.58 -13.60
N CYS A 521 3.72 -11.08 -12.50
CA CYS A 521 3.22 -9.84 -11.91
C CYS A 521 3.53 -8.66 -12.82
N TYR A 522 2.70 -7.61 -12.74
CA TYR A 522 2.61 -6.58 -13.76
C TYR A 522 1.93 -5.34 -13.19
N MET A 523 2.37 -4.17 -13.65
CA MET A 523 1.78 -2.92 -13.17
C MET A 523 1.92 -1.86 -14.25
N LYS A 524 0.94 -0.95 -14.34
CA LYS A 524 0.97 0.10 -15.35
C LYS A 524 0.28 1.35 -14.83
N LEU A 525 0.75 2.51 -15.31
CA LEU A 525 0.10 3.81 -15.11
C LEU A 525 -0.35 4.35 -16.47
N VAL A 526 -1.62 4.72 -16.55
CA VAL A 526 -2.26 5.27 -17.74
C VAL A 526 -2.37 6.78 -17.56
N CYS A 527 -1.69 7.56 -18.42
CA CYS A 527 -1.48 8.99 -18.22
C CYS A 527 -1.94 9.81 -19.43
N ARG A 528 -2.29 11.07 -19.18
CA ARG A 528 -2.76 11.99 -20.22
C ARG A 528 -1.70 13.04 -20.56
N LYS A 529 -1.17 12.97 -21.78
CA LYS A 529 -0.03 13.81 -22.17
C LYS A 529 -0.34 15.30 -22.02
N SER A 530 -1.51 15.74 -22.48
CA SER A 530 -1.77 17.18 -22.52
C SER A 530 -2.15 17.78 -21.17
N ASP A 531 -2.26 16.98 -20.10
CA ASP A 531 -2.56 17.51 -18.76
C ASP A 531 -1.41 17.15 -17.84
N ASN A 532 -0.19 17.55 -18.22
CA ASN A 532 1.02 17.35 -17.41
C ASN A 532 1.20 15.89 -17.01
N MET A 533 0.79 14.98 -17.89
CA MET A 533 0.97 13.54 -17.66
C MET A 533 0.20 13.12 -16.41
N ARG A 534 -1.04 13.61 -16.29
CA ARG A 534 -1.90 13.27 -15.16
C ARG A 534 -2.19 11.78 -15.14
N VAL A 535 -2.17 11.18 -13.95
CA VAL A 535 -2.43 9.74 -13.82
C VAL A 535 -3.95 9.54 -13.85
N LEU A 536 -4.45 8.97 -14.95
CA LEU A 536 -5.86 8.66 -15.15
C LEU A 536 -6.27 7.31 -14.58
N GLY A 537 -5.34 6.34 -14.54
CA GLY A 537 -5.62 5.01 -14.04
C GLY A 537 -4.35 4.30 -13.62
N LEU A 538 -4.45 3.51 -12.55
CA LEU A 538 -3.36 2.72 -11.98
C LEU A 538 -3.84 1.27 -11.86
N HIS A 539 -3.00 0.31 -12.29
CA HIS A 539 -3.37 -1.11 -12.30
C HIS A 539 -2.19 -1.94 -11.81
N VAL A 540 -2.46 -2.92 -10.94
CA VAL A 540 -1.38 -3.79 -10.44
C VAL A 540 -1.91 -5.20 -10.20
N LEU A 541 -1.19 -6.20 -10.74
CA LEU A 541 -1.46 -7.62 -10.53
C LEU A 541 -0.27 -8.18 -9.75
N GLY A 542 -0.51 -8.64 -8.51
CA GLY A 542 0.50 -9.27 -7.68
C GLY A 542 -0.02 -9.50 -6.27
N PRO A 543 0.83 -10.01 -5.37
CA PRO A 543 0.38 -10.25 -4.00
C PRO A 543 0.11 -8.95 -3.26
N ASN A 544 -0.84 -9.02 -2.31
CA ASN A 544 -1.23 -7.89 -1.46
C ASN A 544 -1.63 -6.66 -2.30
N ALA A 545 -2.30 -6.90 -3.43
CA ALA A 545 -2.65 -5.81 -4.36
C ALA A 545 -3.53 -4.75 -3.70
N GLY A 546 -4.35 -5.14 -2.73
CA GLY A 546 -5.20 -4.18 -2.07
C GLY A 546 -4.42 -3.28 -1.13
N GLU A 547 -3.48 -3.85 -0.37
CA GLU A 547 -2.61 -3.01 0.44
C GLU A 547 -1.77 -2.08 -0.45
N ILE A 548 -1.29 -2.59 -1.58
CA ILE A 548 -0.45 -1.79 -2.47
C ILE A 548 -1.21 -0.55 -2.95
N THR A 549 -2.45 -0.76 -3.41
CA THR A 549 -3.23 0.23 -4.16
C THR A 549 -3.81 1.32 -3.25
N GLN A 550 -4.25 0.95 -2.04
CA GLN A 550 -5.05 1.89 -1.24
C GLN A 550 -4.42 3.28 -1.14
N GLY A 551 -3.14 3.34 -0.79
CA GLY A 551 -2.53 4.63 -0.53
C GLY A 551 -2.42 5.51 -1.75
N TYR A 552 -2.15 4.90 -2.92
CA TYR A 552 -2.13 5.66 -4.17
C TYR A 552 -3.48 6.30 -4.47
N ALA A 553 -4.58 5.77 -3.91
CA ALA A 553 -5.89 6.34 -4.18
C ALA A 553 -6.03 7.74 -3.61
N VAL A 554 -5.34 8.05 -2.50
CA VAL A 554 -5.32 9.42 -1.98
C VAL A 554 -4.56 10.34 -2.94
N ALA A 555 -3.45 9.87 -3.50
CA ALA A 555 -2.69 10.72 -4.42
C ALA A 555 -3.50 11.00 -5.68
N ILE A 556 -4.16 9.97 -6.22
CA ILE A 556 -5.00 10.16 -7.41
C ILE A 556 -6.12 11.16 -7.12
N LYS A 557 -6.79 11.00 -5.97
CA LYS A 557 -7.83 11.96 -5.57
C LYS A 557 -7.30 13.39 -5.61
N MET A 558 -6.02 13.57 -5.29
CA MET A 558 -5.41 14.88 -5.22
C MET A 558 -4.91 15.39 -6.56
N GLY A 559 -5.03 14.60 -7.64
CA GLY A 559 -4.55 15.01 -8.95
C GLY A 559 -3.12 14.60 -9.30
N ALA A 560 -2.63 13.46 -8.82
CA ALA A 560 -1.22 13.10 -9.02
C ALA A 560 -0.87 13.03 -10.50
N THR A 561 0.37 13.40 -10.82
CA THR A 561 0.93 13.26 -12.17
C THR A 561 2.07 12.26 -12.15
N LYS A 562 2.56 11.93 -13.34
CA LYS A 562 3.74 11.06 -13.43
C LYS A 562 4.93 11.67 -12.69
N ALA A 563 5.06 13.00 -12.73
CA ALA A 563 6.19 13.63 -12.06
C ALA A 563 6.11 13.45 -10.55
N ASP A 564 4.90 13.44 -10.02
CA ASP A 564 4.73 13.18 -8.58
C ASP A 564 5.15 11.76 -8.20
N PHE A 565 4.97 10.78 -9.09
CA PHE A 565 5.44 9.41 -8.82
C PHE A 565 6.96 9.33 -8.92
N ASP A 566 7.57 10.12 -9.82
CA ASP A 566 9.02 10.07 -10.00
C ASP A 566 9.77 10.71 -8.83
N ARG A 567 9.24 11.80 -8.28
CA ARG A 567 9.99 12.50 -7.22
C ARG A 567 9.83 11.83 -5.86
N THR A 568 8.85 10.93 -5.71
CA THR A 568 8.73 10.12 -4.51
C THR A 568 9.71 8.95 -4.53
N ILE A 569 10.39 8.71 -3.39
CA ILE A 569 11.39 7.67 -3.27
C ILE A 569 10.73 6.37 -2.82
N GLY A 570 11.26 5.23 -3.31
CA GLY A 570 10.68 3.95 -2.94
C GLY A 570 11.09 3.46 -1.54
N ILE A 571 10.28 2.50 -1.04
CA ILE A 571 10.61 1.66 0.11
C ILE A 571 11.11 0.32 -0.40
N HIS A 572 12.29 -0.11 0.07
CA HIS A 572 12.94 -1.32 -0.46
C HIS A 572 13.26 -2.30 0.65
N PRO A 573 13.06 -3.61 0.42
CA PRO A 573 12.42 -4.24 -0.75
C PRO A 573 10.89 -4.39 -0.60
N THR A 574 10.11 -3.79 -1.50
CA THR A 574 8.67 -3.98 -1.62
C THR A 574 8.33 -4.24 -3.08
N CYS A 575 7.15 -4.84 -3.31
CA CYS A 575 6.55 -4.80 -4.64
C CYS A 575 6.10 -3.37 -5.02
N SER A 576 5.50 -2.65 -4.08
CA SER A 576 4.87 -1.37 -4.41
C SER A 576 5.87 -0.33 -4.90
N GLU A 577 7.13 -0.38 -4.45
CA GLU A 577 8.12 0.61 -4.87
C GLU A 577 8.34 0.64 -6.38
N THR A 578 7.97 -0.43 -7.10
CA THR A 578 8.15 -0.42 -8.55
C THR A 578 7.39 0.72 -9.21
N PHE A 579 6.31 1.20 -8.58
CA PHE A 579 5.56 2.33 -9.12
C PHE A 579 6.36 3.63 -9.14
N THR A 580 7.41 3.75 -8.33
CA THR A 580 8.13 5.01 -8.24
C THR A 580 9.27 5.15 -9.25
N THR A 581 9.58 4.11 -10.03
CA THR A 581 10.68 4.13 -10.99
C THR A 581 10.24 3.67 -12.39
N LEU A 582 8.96 3.81 -12.73
CA LEU A 582 8.48 3.35 -14.03
C LEU A 582 9.04 4.22 -15.15
N HIS A 583 9.38 3.60 -16.29
CA HIS A 583 9.96 4.37 -17.40
C HIS A 583 9.72 3.80 -18.81
N VAL A 584 9.41 2.51 -18.94
CA VAL A 584 9.17 1.93 -20.27
C VAL A 584 7.75 2.28 -20.71
N THR A 585 7.61 2.89 -21.88
CA THR A 585 6.30 3.22 -22.43
C THR A 585 5.86 2.15 -23.41
N LYS A 586 4.54 1.99 -23.56
CA LYS A 586 4.02 1.07 -24.55
C LYS A 586 4.33 1.55 -25.98
N LYS A 587 4.34 2.86 -26.20
CA LYS A 587 4.63 3.34 -27.55
C LYS A 587 6.07 3.07 -27.93
N SER A 588 6.99 3.01 -26.97
CA SER A 588 8.38 2.72 -27.32
C SER A 588 8.55 1.32 -27.90
N GLY A 589 7.57 0.43 -27.69
CA GLY A 589 7.73 -0.97 -28.06
C GLY A 589 8.76 -1.74 -27.25
N VAL A 590 9.48 -1.08 -26.34
CA VAL A 590 10.46 -1.75 -25.50
C VAL A 590 9.76 -2.76 -24.57
N SER A 591 10.47 -3.85 -24.27
CA SER A 591 9.87 -4.93 -23.48
C SER A 591 9.73 -4.56 -22.01
N PRO A 592 8.62 -4.90 -21.37
CA PRO A 592 8.43 -4.61 -19.94
C PRO A 592 8.96 -5.68 -19.00
N ILE A 593 9.55 -6.77 -19.50
CA ILE A 593 10.07 -7.81 -18.61
C ILE A 593 11.32 -7.31 -17.88
N VAL A 594 11.70 -8.03 -16.83
CA VAL A 594 12.91 -7.71 -16.07
C VAL A 594 14.05 -8.68 -16.41
N GLY B 7 19.48 33.78 -17.73
CA GLY B 7 20.65 32.94 -17.64
C GLY B 7 20.50 31.55 -18.25
N THR B 8 19.91 31.47 -19.44
CA THR B 8 19.94 30.23 -20.21
C THR B 8 21.35 29.94 -20.72
N SER B 9 22.16 30.98 -20.91
CA SER B 9 23.49 30.82 -21.48
C SER B 9 24.39 29.98 -20.57
N GLN B 10 24.29 30.16 -19.25
CA GLN B 10 25.19 29.42 -18.38
C GLN B 10 24.72 27.99 -18.12
N TRP B 11 23.45 27.67 -18.41
CA TRP B 11 23.07 26.27 -18.49
C TRP B 11 23.70 25.62 -19.71
N LEU B 12 23.53 26.24 -20.88
CA LEU B 12 24.06 25.68 -22.11
C LEU B 12 25.57 25.50 -22.04
N ARG B 13 26.28 26.46 -21.45
CA ARG B 13 27.73 26.33 -21.33
C ARG B 13 28.11 25.16 -20.46
N LYS B 14 27.42 24.97 -19.32
CA LYS B 14 27.74 23.86 -18.43
C LYS B 14 27.41 22.52 -19.08
N THR B 15 26.32 22.46 -19.83
CA THR B 15 25.94 21.24 -20.54
C THR B 15 26.96 20.86 -21.60
N VAL B 16 27.28 21.80 -22.49
CA VAL B 16 28.25 21.54 -23.55
C VAL B 16 29.60 21.16 -22.96
N ASP B 17 30.00 21.84 -21.87
CA ASP B 17 31.28 21.59 -21.24
C ASP B 17 31.39 20.16 -20.72
N SER B 18 30.34 19.66 -20.08
CA SER B 18 30.40 18.44 -19.28
C SER B 18 30.05 17.20 -20.08
N ALA B 19 29.20 17.32 -21.10
CA ALA B 19 28.75 16.17 -21.87
C ALA B 19 29.91 15.52 -22.62
N ALA B 20 29.69 14.25 -23.01
CA ALA B 20 30.67 13.49 -23.78
C ALA B 20 30.36 13.52 -25.28
N VAL B 21 29.14 13.13 -25.66
CA VAL B 21 28.63 13.26 -27.02
C VAL B 21 27.18 13.72 -26.91
N ILE B 22 26.87 14.89 -27.47
CA ILE B 22 25.52 15.43 -27.38
C ILE B 22 25.12 16.06 -28.71
N LEU B 23 23.87 15.79 -29.12
CA LEU B 23 23.30 16.27 -30.36
C LEU B 23 22.10 17.14 -30.04
N PHE B 24 22.14 18.40 -30.47
CA PHE B 24 20.99 19.30 -30.39
C PHE B 24 20.14 19.10 -31.63
N SER B 25 18.85 18.83 -31.44
CA SER B 25 18.00 18.34 -32.51
C SER B 25 16.59 18.92 -32.37
N LYS B 26 15.75 18.61 -33.36
CA LYS B 26 14.31 18.82 -33.31
C LYS B 26 13.63 17.54 -33.79
N THR B 27 12.37 17.37 -33.37
CA THR B 27 11.68 16.11 -33.60
C THR B 27 11.27 15.94 -35.07
N THR B 28 10.93 17.04 -35.75
CA THR B 28 10.45 16.97 -37.12
C THR B 28 11.55 17.12 -38.16
N CYS B 29 12.72 17.63 -37.78
CA CYS B 29 13.81 17.90 -38.71
C CYS B 29 14.41 16.61 -39.28
N PRO B 30 14.32 16.37 -40.60
CA PRO B 30 14.88 15.13 -41.15
C PRO B 30 16.37 15.16 -41.42
N TYR B 31 16.99 16.35 -41.50
CA TYR B 31 18.45 16.39 -41.49
C TYR B 31 18.99 15.90 -40.16
N CYS B 32 18.27 16.15 -39.07
CA CYS B 32 18.60 15.58 -37.77
C CYS B 32 18.49 14.05 -37.82
N LYS B 33 17.40 13.55 -38.40
CA LYS B 33 17.17 12.10 -38.44
C LYS B 33 18.29 11.37 -39.19
N LYS B 34 18.87 12.01 -40.23
CA LYS B 34 19.96 11.37 -40.93
C LYS B 34 21.21 11.28 -40.06
N VAL B 35 21.43 12.28 -39.20
CA VAL B 35 22.58 12.22 -38.29
C VAL B 35 22.35 11.21 -37.19
N LYS B 36 21.11 11.09 -36.70
CA LYS B 36 20.79 10.08 -35.70
C LYS B 36 21.12 8.68 -36.24
N ASP B 37 20.54 8.33 -37.38
CA ASP B 37 20.70 6.97 -37.93
C ASP B 37 22.15 6.68 -38.28
N VAL B 38 22.95 7.70 -38.58
CA VAL B 38 24.37 7.49 -38.81
C VAL B 38 25.07 7.14 -37.50
N LEU B 39 24.77 7.87 -36.44
CA LEU B 39 25.40 7.59 -35.15
C LEU B 39 24.96 6.24 -34.61
N ALA B 40 23.70 5.86 -34.83
CA ALA B 40 23.22 4.57 -34.38
C ALA B 40 23.95 3.43 -35.08
N GLU B 41 24.09 3.53 -36.41
CA GLU B 41 24.78 2.48 -37.15
C GLU B 41 26.26 2.41 -36.78
N ALA B 42 26.85 3.54 -36.42
CA ALA B 42 28.25 3.58 -36.00
C ALA B 42 28.46 3.10 -34.57
N LYS B 43 27.38 2.67 -33.88
CA LYS B 43 27.45 2.23 -32.49
C LYS B 43 28.00 3.34 -31.58
N ILE B 44 27.60 4.57 -31.87
CA ILE B 44 28.02 5.75 -31.11
C ILE B 44 26.84 6.22 -30.26
N LYS B 45 27.00 6.16 -28.94
CA LYS B 45 25.97 6.59 -28.03
C LYS B 45 26.13 8.07 -27.68
N HIS B 46 25.00 8.74 -27.41
CA HIS B 46 25.02 10.17 -27.23
C HIS B 46 23.74 10.62 -26.54
N ALA B 47 23.82 11.78 -25.89
CA ALA B 47 22.64 12.50 -25.42
C ALA B 47 22.02 13.31 -26.56
N THR B 48 20.71 13.55 -26.45
CA THR B 48 19.97 14.31 -27.45
C THR B 48 19.06 15.31 -26.76
N ILE B 49 19.15 16.58 -27.16
CA ILE B 49 18.31 17.64 -26.62
C ILE B 49 17.37 18.10 -27.74
N GLU B 50 16.13 17.62 -27.73
CA GLU B 50 15.14 18.06 -28.70
C GLU B 50 14.62 19.45 -28.30
N LEU B 51 14.93 20.47 -29.12
CA LEU B 51 14.65 21.85 -28.72
C LEU B 51 13.19 22.26 -28.91
N ASP B 52 12.46 21.61 -29.83
CA ASP B 52 11.03 21.86 -29.97
C ASP B 52 10.22 21.29 -28.81
N GLN B 53 10.83 20.51 -27.93
CA GLN B 53 10.16 19.96 -26.77
C GLN B 53 10.49 20.71 -25.49
N LEU B 54 11.35 21.71 -25.54
CA LEU B 54 11.67 22.55 -24.39
C LEU B 54 10.99 23.91 -24.53
N SER B 55 10.72 24.54 -23.39
CA SER B 55 9.94 25.77 -23.40
C SER B 55 10.68 26.90 -24.11
N ASN B 56 11.95 27.10 -23.77
CA ASN B 56 12.73 28.21 -24.33
C ASN B 56 13.79 27.73 -25.32
N GLY B 57 13.51 26.64 -26.04
CA GLY B 57 14.41 26.16 -27.08
C GLY B 57 14.80 27.20 -28.11
N SER B 58 14.01 28.27 -28.24
CA SER B 58 14.34 29.35 -29.17
C SER B 58 15.61 30.07 -28.73
N ALA B 59 15.70 30.45 -27.45
CA ALA B 59 16.87 31.16 -26.97
C ALA B 59 18.11 30.27 -27.02
N ILE B 60 17.95 28.98 -26.74
CA ILE B 60 19.09 28.07 -26.74
C ILE B 60 19.73 28.01 -28.12
N GLN B 61 18.89 27.86 -29.15
CA GLN B 61 19.38 27.84 -30.52
C GLN B 61 20.29 29.02 -30.80
N LYS B 62 19.92 30.20 -30.31
CA LYS B 62 20.74 31.39 -30.51
C LYS B 62 22.09 31.27 -29.80
N CYS B 63 22.09 30.75 -28.56
CA CYS B 63 23.33 30.66 -27.80
C CYS B 63 24.28 29.60 -28.34
N LEU B 64 23.77 28.62 -29.09
CA LEU B 64 24.65 27.65 -29.72
C LEU B 64 25.64 28.31 -30.67
N ALA B 65 25.26 29.47 -31.25
CA ALA B 65 26.16 30.20 -32.12
C ALA B 65 27.43 30.64 -31.40
N SER B 66 27.37 30.82 -30.07
CA SER B 66 28.56 31.23 -29.32
C SER B 66 29.66 30.19 -29.37
N PHE B 67 29.33 28.94 -29.65
CA PHE B 67 30.30 27.86 -29.79
C PHE B 67 30.51 27.46 -31.23
N SER B 68 29.46 27.47 -32.05
CA SER B 68 29.47 26.88 -33.38
C SER B 68 29.34 27.88 -34.52
N LYS B 69 28.97 29.12 -34.23
CA LYS B 69 28.76 30.18 -35.21
C LYS B 69 27.61 29.88 -36.18
N ILE B 70 26.77 28.90 -35.88
CA ILE B 70 25.55 28.65 -36.65
C ILE B 70 24.36 28.60 -35.70
N GLU B 71 23.16 28.70 -36.27
CA GLU B 71 21.93 28.77 -35.49
C GLU B 71 20.93 27.70 -35.89
N THR B 72 21.30 26.80 -36.77
CA THR B 72 20.41 25.77 -37.27
C THR B 72 20.62 24.48 -36.48
N VAL B 73 19.85 23.46 -36.85
CA VAL B 73 19.83 22.18 -36.16
C VAL B 73 19.86 21.13 -37.26
N PRO B 74 20.58 20.02 -37.11
CA PRO B 74 21.30 19.51 -35.93
C PRO B 74 22.70 20.09 -35.71
N GLN B 75 23.16 20.05 -34.45
CA GLN B 75 24.52 20.40 -34.09
C GLN B 75 25.06 19.35 -33.11
N MET B 76 26.22 18.79 -33.43
CA MET B 76 26.87 17.75 -32.64
C MET B 76 28.08 18.32 -31.92
N PHE B 77 28.21 17.98 -30.63
CA PHE B 77 29.38 18.33 -29.83
C PHE B 77 29.98 17.08 -29.21
N VAL B 78 31.26 17.16 -28.87
CA VAL B 78 32.00 16.07 -28.24
C VAL B 78 32.95 16.70 -27.24
N ARG B 79 32.75 16.39 -25.95
CA ARG B 79 33.63 16.82 -24.87
C ARG B 79 33.96 18.31 -24.98
N GLY B 80 32.92 19.11 -25.18
CA GLY B 80 33.03 20.55 -25.15
C GLY B 80 33.37 21.23 -26.45
N LYS B 81 33.58 20.47 -27.53
CA LYS B 81 33.99 21.01 -28.83
C LYS B 81 32.90 20.75 -29.87
N PHE B 82 32.56 21.78 -30.63
CA PHE B 82 31.62 21.64 -31.74
C PHE B 82 32.26 20.83 -32.87
N ILE B 83 31.48 19.92 -33.45
CA ILE B 83 32.00 18.95 -34.41
C ILE B 83 31.51 19.22 -35.83
N GLY B 84 30.22 19.54 -36.00
CA GLY B 84 29.73 19.92 -37.31
C GLY B 84 28.23 19.84 -37.40
N ASP B 85 27.71 20.35 -38.53
CA ASP B 85 26.31 20.20 -38.91
C ASP B 85 26.14 18.87 -39.63
N SER B 86 25.00 18.65 -40.31
CA SER B 86 24.78 17.39 -41.02
C SER B 86 25.92 17.10 -42.00
N GLN B 87 26.15 17.99 -42.96
CA GLN B 87 27.15 17.72 -44.00
C GLN B 87 28.53 17.40 -43.43
N THR B 88 28.94 18.09 -42.35
CA THR B 88 30.29 17.87 -41.82
C THR B 88 30.42 16.52 -41.10
N VAL B 89 29.38 16.11 -40.37
CA VAL B 89 29.41 14.83 -39.70
C VAL B 89 29.44 13.68 -40.72
N LEU B 90 28.62 13.77 -41.77
CA LEU B 90 28.69 12.74 -42.81
C LEU B 90 30.04 12.73 -43.54
N LYS B 91 30.69 13.89 -43.70
CA LYS B 91 32.04 13.91 -44.25
C LYS B 91 33.01 13.10 -43.40
N TYR B 92 32.91 13.23 -42.07
CA TYR B 92 33.79 12.47 -41.18
C TYR B 92 33.50 10.98 -41.27
N TYR B 93 32.21 10.61 -41.36
CA TYR B 93 31.82 9.21 -41.38
C TYR B 93 32.38 8.48 -42.59
N SER B 94 32.12 8.99 -43.79
CA SER B 94 32.59 8.32 -44.99
C SER B 94 34.09 8.49 -45.23
N ASN B 95 34.75 9.38 -44.49
CA ASN B 95 36.21 9.47 -44.47
C ASN B 95 36.83 8.62 -43.35
N ASP B 96 36.01 7.77 -42.69
CA ASP B 96 36.39 6.93 -41.54
C ASP B 96 37.10 7.70 -40.41
N GLU B 97 36.89 9.03 -40.35
CA GLU B 97 37.51 9.83 -39.30
C GLU B 97 36.64 9.97 -38.05
N LEU B 98 35.41 9.44 -38.06
CA LEU B 98 34.44 9.74 -37.01
C LEU B 98 34.78 9.07 -35.68
N ALA B 99 35.16 7.78 -35.72
CA ALA B 99 35.43 7.05 -34.48
C ALA B 99 36.59 7.67 -33.72
N GLY B 100 37.61 8.17 -34.42
CA GLY B 100 38.72 8.81 -33.75
C GLY B 100 38.34 10.13 -33.11
N ILE B 101 37.33 10.81 -33.66
CA ILE B 101 36.94 12.11 -33.15
C ILE B 101 36.12 11.98 -31.86
N VAL B 102 35.16 11.06 -31.83
CA VAL B 102 34.36 10.85 -30.62
C VAL B 102 35.18 10.22 -29.50
N ASN B 103 36.20 9.42 -29.83
CA ASN B 103 37.01 8.79 -28.80
C ASN B 103 38.14 9.67 -28.29
N GLU B 104 38.35 10.85 -28.88
CA GLU B 104 39.42 11.73 -28.45
C GLU B 104 39.04 12.37 -27.12
N SER B 105 39.88 12.17 -26.09
CA SER B 105 39.60 12.67 -24.76
C SER B 105 40.91 12.92 -24.02
N LYS B 106 40.88 13.89 -23.10
CA LYS B 106 42.06 14.23 -22.31
C LYS B 106 42.32 13.23 -21.19
N TYR B 107 41.32 12.49 -20.74
CA TYR B 107 41.49 11.51 -19.68
C TYR B 107 41.16 10.11 -20.20
N ASP B 108 41.53 9.10 -19.41
CA ASP B 108 41.17 7.73 -19.76
C ASP B 108 39.66 7.56 -19.82
N TYR B 109 38.94 8.15 -18.88
CA TYR B 109 37.51 7.97 -18.76
C TYR B 109 36.80 9.30 -18.57
N ASP B 110 35.58 9.40 -19.11
CA ASP B 110 34.74 10.52 -18.74
C ASP B 110 34.32 10.46 -17.27
N LEU B 111 34.12 9.25 -16.73
CA LEU B 111 33.64 9.04 -15.37
C LEU B 111 34.33 7.84 -14.73
N ILE B 112 34.77 8.00 -13.49
CA ILE B 112 35.26 6.89 -12.67
C ILE B 112 34.42 6.88 -11.41
N VAL B 113 33.74 5.75 -11.15
CA VAL B 113 32.98 5.51 -9.92
C VAL B 113 33.84 4.67 -8.98
N ILE B 114 34.07 5.17 -7.77
CA ILE B 114 34.77 4.41 -6.74
C ILE B 114 33.70 3.84 -5.82
N GLY B 115 33.48 2.52 -5.93
CA GLY B 115 32.45 1.83 -5.15
C GLY B 115 31.36 1.22 -6.01
N GLY B 116 31.22 -0.10 -5.95
CA GLY B 116 30.24 -0.78 -6.80
C GLY B 116 29.01 -1.31 -6.08
N GLY B 117 28.30 -0.43 -5.35
CA GLY B 117 27.04 -0.80 -4.70
C GLY B 117 25.81 -0.14 -5.30
N SER B 118 24.79 0.10 -4.46
CA SER B 118 23.49 0.60 -4.93
C SER B 118 23.63 1.88 -5.76
N GLY B 119 24.25 2.90 -5.18
CA GLY B 119 24.39 4.17 -5.90
C GLY B 119 25.42 4.11 -7.01
N GLY B 120 26.56 3.46 -6.76
CA GLY B 120 27.64 3.47 -7.74
C GLY B 120 27.27 2.75 -9.03
N LEU B 121 26.72 1.53 -8.92
CA LEU B 121 26.32 0.81 -10.12
C LEU B 121 25.24 1.57 -10.89
N ALA B 122 24.31 2.22 -10.17
CA ALA B 122 23.25 2.94 -10.84
C ALA B 122 23.77 4.18 -11.55
N ALA B 123 24.66 4.93 -10.91
CA ALA B 123 25.29 6.08 -11.56
C ALA B 123 26.05 5.67 -12.82
N GLY B 124 26.85 4.61 -12.73
CA GLY B 124 27.72 4.24 -13.84
C GLY B 124 26.95 3.79 -15.08
N LYS B 125 25.90 2.98 -14.87
CA LYS B 125 25.06 2.53 -15.99
C LYS B 125 24.31 3.70 -16.61
N GLU B 126 23.81 4.62 -15.79
CA GLU B 126 23.08 5.74 -16.36
C GLU B 126 23.98 6.64 -17.21
N ALA B 127 25.20 6.92 -16.73
CA ALA B 127 26.14 7.73 -17.50
C ALA B 127 26.51 7.07 -18.84
N ALA B 128 26.69 5.75 -18.84
CA ALA B 128 27.07 5.09 -20.09
C ALA B 128 25.99 5.20 -21.15
N LYS B 129 24.73 5.39 -20.75
CA LYS B 129 23.66 5.52 -21.73
C LYS B 129 23.84 6.74 -22.64
N TYR B 130 24.57 7.76 -22.17
CA TYR B 130 24.73 9.00 -22.93
C TYR B 130 26.14 9.14 -23.50
N GLY B 131 26.81 8.03 -23.76
CA GLY B 131 28.11 8.08 -24.39
C GLY B 131 29.27 8.33 -23.47
N ALA B 132 29.04 8.47 -22.16
CA ALA B 132 30.17 8.67 -21.25
C ALA B 132 30.98 7.39 -21.13
N LYS B 133 32.30 7.49 -21.37
CA LYS B 133 33.22 6.37 -21.19
C LYS B 133 33.46 6.17 -19.70
N THR B 134 33.03 5.02 -19.16
CA THR B 134 32.83 4.86 -17.72
C THR B 134 33.59 3.64 -17.20
N ALA B 135 34.18 3.82 -16.01
CA ALA B 135 34.76 2.73 -15.24
C ALA B 135 34.14 2.67 -13.84
N VAL B 136 33.79 1.47 -13.40
CA VAL B 136 33.25 1.24 -12.06
C VAL B 136 34.22 0.34 -11.32
N LEU B 137 34.75 0.84 -10.20
CA LEU B 137 35.68 0.11 -9.34
C LEU B 137 34.94 -0.43 -8.11
N ASP B 138 35.18 -1.69 -7.77
CA ASP B 138 34.63 -2.25 -6.54
C ASP B 138 35.58 -3.28 -5.95
N TYR B 139 35.56 -3.35 -4.62
CA TYR B 139 36.40 -4.18 -3.80
C TYR B 139 35.67 -4.44 -2.50
N VAL B 140 35.78 -5.66 -1.95
CA VAL B 140 35.21 -5.99 -0.64
C VAL B 140 36.35 -6.38 0.31
N GLU B 141 36.68 -5.47 1.21
CA GLU B 141 37.57 -5.77 2.31
C GLU B 141 36.97 -6.87 3.19
N PRO B 142 37.68 -7.95 3.47
CA PRO B 142 37.10 -9.03 4.28
C PRO B 142 36.89 -8.63 5.75
N THR B 143 35.91 -9.28 6.37
CA THR B 143 35.66 -9.10 7.79
C THR B 143 36.80 -9.74 8.60
N PRO B 144 36.87 -9.47 9.91
CA PRO B 144 37.93 -10.10 10.73
C PRO B 144 37.99 -11.62 10.64
N ILE B 145 36.85 -12.32 10.55
CA ILE B 145 36.94 -13.78 10.41
C ILE B 145 37.13 -14.21 8.97
N GLY B 146 37.25 -13.27 8.03
CA GLY B 146 37.51 -13.60 6.64
C GLY B 146 36.33 -13.64 5.67
N THR B 147 35.15 -13.18 6.06
CA THR B 147 34.00 -13.21 5.14
C THR B 147 34.20 -12.22 4.01
N THR B 148 33.85 -12.64 2.78
CA THR B 148 33.88 -11.73 1.64
C THR B 148 32.74 -12.09 0.71
N TRP B 149 32.50 -11.26 -0.32
CA TRP B 149 31.37 -11.44 -1.22
C TRP B 149 31.61 -10.70 -2.53
N GLY B 150 30.64 -10.78 -3.45
CA GLY B 150 30.77 -10.33 -4.82
C GLY B 150 30.19 -8.95 -5.07
N LEU B 151 30.00 -8.62 -6.35
CA LEU B 151 29.66 -7.27 -6.77
C LEU B 151 28.21 -6.91 -6.43
N GLY B 152 27.99 -5.66 -6.02
CA GLY B 152 26.64 -5.17 -5.75
C GLY B 152 26.43 -4.39 -4.45
N GLY B 153 27.39 -4.43 -3.54
CA GLY B 153 27.32 -3.57 -2.38
C GLY B 153 26.65 -4.20 -1.17
N THR B 154 26.35 -3.33 -0.18
CA THR B 154 25.87 -3.81 1.11
C THR B 154 24.47 -4.41 1.02
N CYS B 155 23.53 -3.69 0.39
CA CYS B 155 22.15 -4.15 0.30
C CYS B 155 22.04 -5.54 -0.34
N VAL B 156 22.68 -5.72 -1.51
CA VAL B 156 22.58 -6.94 -2.30
C VAL B 156 23.12 -8.16 -1.53
N ASN B 157 24.30 -8.02 -0.91
CA ASN B 157 25.05 -9.13 -0.33
C ASN B 157 24.86 -9.32 1.17
N VAL B 158 24.77 -8.25 1.98
CA VAL B 158 24.79 -8.37 3.43
C VAL B 158 23.81 -7.39 4.09
N GLY B 159 22.75 -7.04 3.36
CA GLY B 159 21.78 -6.04 3.84
C GLY B 159 20.33 -6.34 3.45
N CYS B 160 19.69 -5.46 2.65
CA CYS B 160 18.24 -5.51 2.48
C CYS B 160 17.76 -6.86 1.92
N ILE B 161 18.48 -7.42 0.95
CA ILE B 161 18.03 -8.58 0.21
C ILE B 161 18.07 -9.82 1.10
N PRO B 162 19.21 -10.22 1.69
CA PRO B 162 19.19 -11.41 2.56
C PRO B 162 18.45 -11.20 3.87
N LYS B 163 18.45 -9.98 4.41
CA LYS B 163 17.63 -9.65 5.59
C LYS B 163 16.16 -9.98 5.35
N LYS B 164 15.58 -9.47 4.26
CA LYS B 164 14.14 -9.68 4.06
C LYS B 164 13.80 -11.12 3.70
N LEU B 165 14.69 -11.82 2.97
CA LEU B 165 14.44 -13.23 2.69
C LEU B 165 14.40 -14.05 3.98
N MET B 166 15.27 -13.71 4.93
CA MET B 166 15.32 -14.39 6.23
C MET B 166 14.12 -14.01 7.09
N HIS B 167 13.70 -12.74 7.02
CA HIS B 167 12.42 -12.30 7.57
C HIS B 167 11.25 -13.13 7.04
N GLN B 168 11.22 -13.36 5.72
CA GLN B 168 10.15 -14.15 5.13
C GLN B 168 10.16 -15.58 5.68
N ALA B 169 11.36 -16.15 5.86
CA ALA B 169 11.46 -17.48 6.45
C ALA B 169 10.86 -17.50 7.86
N GLY B 170 11.09 -16.43 8.63
CA GLY B 170 10.44 -16.31 9.93
C GLY B 170 8.92 -16.15 9.84
N LEU B 171 8.44 -15.35 8.88
CA LEU B 171 6.99 -15.16 8.76
C LEU B 171 6.28 -16.48 8.45
N LEU B 172 6.93 -17.35 7.67
CA LEU B 172 6.29 -18.59 7.29
C LEU B 172 6.05 -19.49 8.48
N SER B 173 6.77 -19.32 9.60
CA SER B 173 6.45 -20.15 10.76
C SER B 173 5.07 -19.84 11.29
N HIS B 174 4.68 -18.55 11.28
CA HIS B 174 3.33 -18.19 11.72
C HIS B 174 2.28 -18.59 10.69
N ALA B 175 2.65 -18.66 9.41
CA ALA B 175 1.74 -19.17 8.39
C ALA B 175 1.41 -20.64 8.61
N LEU B 176 2.41 -21.44 8.99
CA LEU B 176 2.16 -22.85 9.31
C LEU B 176 1.23 -23.01 10.50
N GLU B 177 1.45 -22.23 11.58
CA GLU B 177 0.49 -22.23 12.69
C GLU B 177 -0.88 -21.80 12.23
N ASP B 178 -0.97 -20.72 11.44
CA ASP B 178 -2.27 -20.23 11.00
C ASP B 178 -3.02 -21.28 10.16
N ALA B 179 -2.29 -22.06 9.35
CA ALA B 179 -2.96 -22.94 8.39
C ALA B 179 -3.80 -24.00 9.08
N GLU B 180 -3.45 -24.39 10.31
CA GLU B 180 -4.28 -25.34 11.04
C GLU B 180 -5.67 -24.79 11.26
N HIS B 181 -5.75 -23.54 11.74
CA HIS B 181 -7.06 -22.96 12.04
C HIS B 181 -7.88 -22.76 10.78
N PHE B 182 -7.23 -22.60 9.63
CA PHE B 182 -7.95 -22.45 8.37
C PHE B 182 -8.30 -23.79 7.71
N GLY B 183 -8.03 -24.91 8.40
CA GLY B 183 -8.49 -26.23 7.95
C GLY B 183 -7.45 -27.16 7.36
N TRP B 184 -6.16 -26.78 7.34
CA TRP B 184 -5.14 -27.66 6.79
C TRP B 184 -4.67 -28.64 7.87
N SER B 185 -4.31 -29.84 7.43
CA SER B 185 -4.13 -30.99 8.32
C SER B 185 -2.74 -31.11 8.93
N LEU B 186 -1.89 -30.09 8.81
CA LEU B 186 -0.53 -30.18 9.35
C LEU B 186 -0.53 -29.94 10.86
N ASP B 187 0.56 -30.39 11.50
CA ASP B 187 0.77 -30.19 12.93
C ASP B 187 2.07 -29.42 13.13
N ARG B 188 1.93 -28.13 13.49
CA ARG B 188 3.07 -27.21 13.57
C ARG B 188 4.11 -27.65 14.60
N SER B 189 3.70 -28.32 15.69
CA SER B 189 4.67 -28.68 16.73
C SER B 189 5.65 -29.73 16.26
N LYS B 190 5.37 -30.42 15.15
CA LYS B 190 6.26 -31.46 14.65
C LYS B 190 7.08 -31.01 13.44
N ILE B 191 7.15 -29.71 13.19
CA ILE B 191 7.93 -29.16 12.09
C ILE B 191 9.08 -28.36 12.67
N SER B 192 10.26 -28.47 12.04
CA SER B 192 11.44 -27.74 12.48
C SER B 192 12.11 -27.08 11.28
N HIS B 193 13.10 -26.24 11.55
CA HIS B 193 13.76 -25.43 10.53
C HIS B 193 15.21 -25.84 10.35
N ASN B 194 15.67 -25.87 9.09
CA ASN B 194 17.06 -26.19 8.75
C ASN B 194 17.77 -24.90 8.32
N TRP B 195 18.67 -24.40 9.17
CA TRP B 195 19.37 -23.14 8.90
C TRP B 195 20.19 -23.20 7.61
N SER B 196 20.92 -24.29 7.38
CA SER B 196 21.83 -24.28 6.24
C SER B 196 21.09 -24.42 4.92
N THR B 197 19.93 -25.10 4.90
CA THR B 197 19.12 -25.13 3.67
C THR B 197 18.66 -23.73 3.27
N MET B 198 18.25 -22.93 4.26
CA MET B 198 17.82 -21.57 3.97
C MET B 198 18.98 -20.72 3.46
N VAL B 199 20.13 -20.80 4.14
CA VAL B 199 21.32 -20.04 3.73
C VAL B 199 21.73 -20.40 2.30
N GLU B 200 21.65 -21.69 1.95
CA GLU B 200 22.01 -22.08 0.59
C GLU B 200 21.09 -21.42 -0.44
N GLY B 201 19.78 -21.40 -0.18
CA GLY B 201 18.87 -20.75 -1.12
C GLY B 201 19.08 -19.24 -1.18
N VAL B 202 19.29 -18.61 -0.01
CA VAL B 202 19.54 -17.17 0.03
C VAL B 202 20.80 -16.83 -0.76
N GLN B 203 21.90 -17.55 -0.48
CA GLN B 203 23.17 -17.30 -1.15
C GLN B 203 23.10 -17.60 -2.65
N SER B 204 22.25 -18.54 -3.05
CA SER B 204 22.09 -18.81 -4.48
C SER B 204 21.39 -17.65 -5.18
N HIS B 205 20.41 -17.01 -4.53
CA HIS B 205 19.81 -15.82 -5.11
C HIS B 205 20.84 -14.69 -5.21
N ILE B 206 21.60 -14.46 -4.14
CA ILE B 206 22.61 -13.41 -4.17
C ILE B 206 23.61 -13.64 -5.31
N GLY B 207 23.96 -14.90 -5.57
CA GLY B 207 24.88 -15.19 -6.66
C GLY B 207 24.32 -14.82 -8.02
N SER B 208 23.02 -15.01 -8.21
CA SER B 208 22.41 -14.57 -9.47
C SER B 208 22.48 -13.05 -9.62
N LEU B 209 22.51 -12.31 -8.52
CA LEU B 209 22.59 -10.85 -8.61
C LEU B 209 24.02 -10.39 -8.85
N ASN B 210 25.01 -10.99 -8.17
CA ASN B 210 26.41 -10.71 -8.50
C ASN B 210 26.64 -10.85 -10.00
N TRP B 211 26.14 -11.94 -10.58
CA TRP B 211 26.39 -12.25 -11.99
C TRP B 211 25.59 -11.32 -12.92
N GLY B 212 24.35 -11.01 -12.55
CA GLY B 212 23.55 -10.10 -13.36
C GLY B 212 24.18 -8.71 -13.47
N TYR B 213 24.81 -8.23 -12.39
CA TYR B 213 25.47 -6.92 -12.40
C TYR B 213 26.72 -6.92 -13.28
N LYS B 214 27.50 -8.01 -13.28
CA LYS B 214 28.61 -8.09 -14.22
C LYS B 214 28.11 -8.09 -15.66
N VAL B 215 27.05 -8.85 -15.93
CA VAL B 215 26.46 -8.86 -17.27
C VAL B 215 25.90 -7.50 -17.63
N ALA B 216 25.27 -6.82 -16.66
CA ALA B 216 24.73 -5.49 -16.93
C ALA B 216 25.83 -4.53 -17.35
N LEU B 217 26.94 -4.50 -16.62
CA LEU B 217 28.02 -3.57 -16.96
C LEU B 217 28.62 -3.89 -18.33
N ARG B 218 28.86 -5.18 -18.60
CA ARG B 218 29.36 -5.56 -19.92
C ARG B 218 28.46 -5.05 -21.05
N ASP B 219 27.15 -5.27 -20.92
CA ASP B 219 26.23 -4.89 -21.99
C ASP B 219 26.01 -3.38 -22.11
N ASN B 220 26.49 -2.59 -21.16
CA ASN B 220 26.46 -1.14 -21.27
C ASN B 220 27.82 -0.55 -21.64
N GLN B 221 28.80 -1.40 -21.95
CA GLN B 221 30.17 -0.96 -22.29
C GLN B 221 30.81 -0.19 -21.14
N VAL B 222 30.53 -0.61 -19.92
CA VAL B 222 31.17 -0.07 -18.72
C VAL B 222 32.34 -1.00 -18.37
N THR B 223 33.51 -0.41 -18.07
CA THR B 223 34.66 -1.17 -17.60
C THR B 223 34.54 -1.43 -16.11
N TYR B 224 34.45 -2.69 -15.71
CA TYR B 224 34.45 -3.08 -14.30
C TYR B 224 35.85 -3.52 -13.90
N LEU B 225 36.41 -2.85 -12.91
CA LEU B 225 37.68 -3.25 -12.32
C LEU B 225 37.44 -3.70 -10.88
N ASN B 226 37.75 -4.96 -10.58
CA ASN B 226 37.74 -5.44 -9.21
C ASN B 226 39.07 -4.98 -8.59
N ALA B 227 39.03 -3.92 -7.80
CA ALA B 227 40.24 -3.20 -7.44
C ALA B 227 39.94 -2.23 -6.30
N LYS B 228 40.92 -2.02 -5.45
CA LYS B 228 40.81 -1.02 -4.39
C LYS B 228 41.26 0.33 -4.95
N GLY B 229 40.33 1.30 -4.97
CA GLY B 229 40.60 2.62 -5.50
C GLY B 229 41.00 3.62 -4.43
N ARG B 230 41.87 4.56 -4.82
CA ARG B 230 42.31 5.65 -3.95
C ARG B 230 42.48 6.90 -4.81
N LEU B 231 41.79 7.97 -4.44
CA LEU B 231 41.90 9.24 -5.16
C LEU B 231 43.10 10.01 -4.63
N ILE B 232 44.11 10.21 -5.48
CA ILE B 232 45.37 10.82 -5.07
C ILE B 232 45.45 12.29 -5.53
N SER B 233 44.72 12.63 -6.58
CA SER B 233 44.60 14.02 -7.02
C SER B 233 43.22 14.16 -7.66
N PRO B 234 42.80 15.41 -7.96
CA PRO B 234 41.44 15.59 -8.53
C PRO B 234 41.06 14.66 -9.68
N HIS B 235 42.00 14.31 -10.58
CA HIS B 235 41.68 13.51 -11.75
C HIS B 235 42.41 12.18 -11.81
N GLU B 236 43.10 11.77 -10.74
CA GLU B 236 43.91 10.55 -10.74
C GLU B 236 43.41 9.57 -9.68
N VAL B 237 43.20 8.32 -10.09
CA VAL B 237 42.76 7.25 -9.20
C VAL B 237 43.79 6.13 -9.23
N GLN B 238 44.38 5.83 -8.09
CA GLN B 238 45.33 4.74 -7.98
C GLN B 238 44.58 3.47 -7.58
N ILE B 239 44.77 2.40 -8.36
CA ILE B 239 44.06 1.14 -8.15
C ILE B 239 45.06 0.06 -7.79
N THR B 240 44.67 -0.84 -6.89
CA THR B 240 45.51 -1.94 -6.44
C THR B 240 44.82 -3.28 -6.68
N ASP B 241 45.57 -4.22 -7.23
CA ASP B 241 45.09 -5.47 -7.80
C ASP B 241 45.01 -6.54 -6.70
N LYS B 242 44.40 -7.68 -7.04
CA LYS B 242 44.29 -8.78 -6.09
C LYS B 242 45.66 -9.30 -5.66
N ASN B 243 46.65 -9.27 -6.56
CA ASN B 243 48.03 -9.67 -6.28
C ASN B 243 48.92 -8.48 -5.89
N GLN B 244 48.32 -7.35 -5.49
CA GLN B 244 49.02 -6.16 -5.03
C GLN B 244 49.70 -5.36 -6.14
N LYS B 245 49.31 -5.58 -7.40
CA LYS B 245 49.79 -4.74 -8.49
C LYS B 245 49.13 -3.37 -8.44
N VAL B 246 49.92 -2.31 -8.66
CA VAL B 246 49.46 -0.93 -8.50
C VAL B 246 49.61 -0.20 -9.83
N SER B 247 48.59 0.57 -10.19
CA SER B 247 48.63 1.39 -11.40
C SER B 247 47.72 2.60 -11.20
N THR B 248 47.61 3.44 -12.24
CA THR B 248 46.90 4.71 -12.15
C THR B 248 46.07 4.93 -13.41
N ILE B 249 44.84 5.39 -13.22
CA ILE B 249 43.94 5.75 -14.31
C ILE B 249 43.43 7.16 -14.02
N THR B 250 43.01 7.83 -15.09
CA THR B 250 42.57 9.23 -15.02
C THR B 250 41.13 9.36 -15.51
N GLY B 251 40.40 10.27 -14.89
CA GLY B 251 39.01 10.50 -15.27
C GLY B 251 38.67 11.97 -15.15
N ASN B 252 37.70 12.39 -15.97
CA ASN B 252 37.19 13.76 -15.90
C ASN B 252 36.35 13.97 -14.65
N LYS B 253 35.23 13.26 -14.52
CA LYS B 253 34.40 13.31 -13.33
C LYS B 253 34.65 12.10 -12.45
N ILE B 254 34.57 12.30 -11.13
CA ILE B 254 34.75 11.26 -10.13
C ILE B 254 33.51 11.22 -9.26
N ILE B 255 33.00 10.02 -8.99
CA ILE B 255 31.89 9.83 -8.05
C ILE B 255 32.37 8.89 -6.95
N LEU B 256 32.35 9.38 -5.72
CA LEU B 256 32.66 8.56 -4.56
C LEU B 256 31.38 7.92 -4.05
N ALA B 257 31.40 6.59 -3.90
CA ALA B 257 30.22 5.84 -3.49
C ALA B 257 30.64 4.55 -2.80
N THR B 258 31.51 4.66 -1.80
CA THR B 258 32.13 3.52 -1.14
C THR B 258 31.40 3.04 0.12
N GLY B 259 30.32 3.70 0.53
CA GLY B 259 29.48 3.19 1.62
C GLY B 259 30.17 3.09 2.98
N GLU B 260 29.67 2.18 3.82
CA GLU B 260 30.12 2.03 5.20
C GLU B 260 30.32 0.55 5.54
N ARG B 261 30.83 0.27 6.74
CA ARG B 261 30.95 -1.07 7.30
C ARG B 261 30.65 -1.01 8.79
N PRO B 262 30.38 -2.16 9.43
CA PRO B 262 29.97 -2.14 10.85
C PRO B 262 31.07 -1.72 11.81
N LYS B 263 30.67 -1.04 12.89
CA LYS B 263 31.56 -0.74 14.01
C LYS B 263 31.62 -1.88 15.00
N TYR B 264 32.72 -1.95 15.74
CA TYR B 264 32.84 -2.79 16.91
C TYR B 264 33.05 -1.93 18.15
N PRO B 265 32.50 -2.32 19.30
CA PRO B 265 32.85 -1.62 20.54
C PRO B 265 34.29 -1.90 20.92
N GLU B 266 34.92 -0.91 21.56
CA GLU B 266 36.33 -1.02 21.96
C GLU B 266 36.40 -1.75 23.30
N ILE B 267 36.22 -3.07 23.24
CA ILE B 267 36.26 -3.90 24.44
C ILE B 267 36.95 -5.22 24.11
N PRO B 268 37.58 -5.84 25.11
CA PRO B 268 38.34 -7.07 24.86
C PRO B 268 37.44 -8.20 24.40
N GLY B 269 37.89 -8.91 23.36
CA GLY B 269 37.21 -10.07 22.84
C GLY B 269 36.26 -9.81 21.68
N ALA B 270 35.84 -8.56 21.48
CA ALA B 270 34.76 -8.26 20.53
C ALA B 270 35.15 -8.64 19.09
N VAL B 271 36.27 -8.13 18.61
CA VAL B 271 36.72 -8.43 17.24
C VAL B 271 37.10 -9.90 17.10
N GLU B 272 37.73 -10.45 18.14
CA GLU B 272 38.20 -11.83 18.08
C GLU B 272 37.04 -12.82 18.06
N TYR B 273 36.05 -12.64 18.93
CA TYR B 273 35.06 -13.68 19.17
C TYR B 273 33.62 -13.35 18.76
N GLY B 274 33.30 -12.08 18.46
CA GLY B 274 31.98 -11.72 17.97
C GLY B 274 31.89 -11.72 16.44
N ILE B 275 30.69 -11.42 15.93
CA ILE B 275 30.43 -11.26 14.49
C ILE B 275 29.49 -10.08 14.30
N THR B 276 29.32 -9.66 13.04
CA THR B 276 28.34 -8.65 12.65
C THR B 276 27.40 -9.20 11.59
N SER B 277 26.47 -8.34 11.16
CA SER B 277 25.57 -8.69 10.07
C SER B 277 26.33 -9.05 8.80
N ASP B 278 27.52 -8.46 8.60
CA ASP B 278 28.39 -8.85 7.48
C ASP B 278 28.63 -10.35 7.46
N ASP B 279 28.69 -10.98 8.63
CA ASP B 279 28.97 -12.41 8.72
C ASP B 279 27.71 -13.26 8.77
N LEU B 280 26.57 -12.69 9.24
CA LEU B 280 25.43 -13.52 9.62
C LEU B 280 24.78 -14.18 8.41
N PHE B 281 24.74 -13.48 7.28
CA PHE B 281 23.92 -13.94 6.16
C PHE B 281 24.57 -15.05 5.34
N SER B 282 25.84 -15.36 5.55
CA SER B 282 26.45 -16.54 4.96
C SER B 282 26.98 -17.52 6.01
N LEU B 283 26.61 -17.34 7.28
CA LEU B 283 27.13 -18.18 8.36
C LEU B 283 26.84 -19.65 8.07
N PRO B 284 27.85 -20.52 8.09
CA PRO B 284 27.60 -21.92 7.69
C PRO B 284 26.95 -22.79 8.76
N TYR B 285 26.79 -22.29 10.00
CA TYR B 285 26.15 -23.03 11.09
C TYR B 285 25.06 -22.16 11.72
N PHE B 286 24.05 -22.81 12.29
CA PHE B 286 23.03 -22.04 13.02
C PHE B 286 23.70 -21.33 14.20
N PRO B 287 23.39 -20.05 14.43
CA PRO B 287 24.02 -19.36 15.57
C PRO B 287 23.76 -19.99 16.92
N GLY B 288 22.62 -20.66 17.13
CA GLY B 288 22.31 -21.20 18.45
C GLY B 288 21.84 -20.12 19.41
N LYS B 289 22.04 -20.36 20.71
CA LYS B 289 21.76 -19.31 21.69
C LYS B 289 22.58 -18.05 21.39
N THR B 290 21.90 -16.95 21.03
CA THR B 290 22.54 -15.77 20.48
C THR B 290 22.27 -14.54 21.35
N LEU B 291 23.27 -13.68 21.45
CA LEU B 291 23.14 -12.36 22.05
C LEU B 291 23.33 -11.31 20.94
N VAL B 292 22.36 -10.41 20.79
CA VAL B 292 22.46 -9.29 19.87
C VAL B 292 22.68 -8.04 20.70
N ILE B 293 23.79 -7.34 20.44
CA ILE B 293 24.17 -6.15 21.19
C ILE B 293 23.86 -4.91 20.35
N GLY B 294 23.02 -4.02 20.87
CA GLY B 294 22.57 -2.85 20.15
C GLY B 294 21.06 -2.83 20.00
N ALA B 295 20.58 -1.71 19.45
CA ALA B 295 19.13 -1.53 19.35
C ALA B 295 18.69 -0.75 18.10
N SER B 296 19.55 -0.66 17.09
CA SER B 296 19.18 -0.12 15.79
C SER B 296 18.18 -1.04 15.09
N TYR B 297 17.69 -0.59 13.92
CA TYR B 297 16.80 -1.47 13.16
C TYR B 297 17.50 -2.77 12.76
N VAL B 298 18.81 -2.73 12.50
CA VAL B 298 19.53 -3.96 12.14
C VAL B 298 19.51 -4.94 13.30
N ALA B 299 19.76 -4.45 14.52
CA ALA B 299 19.71 -5.30 15.71
C ALA B 299 18.34 -5.96 15.88
N LEU B 300 17.27 -5.17 15.75
CA LEU B 300 15.93 -5.71 16.02
C LEU B 300 15.45 -6.64 14.91
N GLU B 301 15.77 -6.30 13.65
CA GLU B 301 15.38 -7.18 12.55
C GLU B 301 16.06 -8.53 12.66
N CYS B 302 17.36 -8.54 12.97
CA CYS B 302 18.09 -9.81 13.07
C CYS B 302 17.61 -10.65 14.25
N ALA B 303 17.49 -10.03 15.43
CA ALA B 303 16.97 -10.75 16.59
C ALA B 303 15.58 -11.32 16.30
N GLY B 304 14.78 -10.60 15.53
CA GLY B 304 13.39 -11.03 15.32
C GLY B 304 13.26 -12.29 14.47
N PHE B 305 13.98 -12.36 13.34
CA PHE B 305 13.83 -13.59 12.57
C PHE B 305 14.55 -14.77 13.24
N LEU B 306 15.62 -14.53 13.99
CA LEU B 306 16.29 -15.64 14.68
C LEU B 306 15.36 -16.30 15.67
N ALA B 307 14.57 -15.50 16.41
CA ALA B 307 13.61 -16.08 17.34
C ALA B 307 12.51 -16.83 16.58
N SER B 308 12.09 -16.29 15.44
CA SER B 308 11.02 -16.92 14.67
C SER B 308 11.46 -18.26 14.09
N LEU B 309 12.75 -18.43 13.84
CA LEU B 309 13.29 -19.71 13.37
C LEU B 309 13.57 -20.68 14.52
N GLY B 310 13.13 -20.35 15.74
CA GLY B 310 13.30 -21.20 16.90
C GLY B 310 14.55 -20.95 17.73
N GLY B 311 15.28 -19.86 17.49
CA GLY B 311 16.46 -19.58 18.29
C GLY B 311 16.14 -19.00 19.66
N ASP B 312 17.14 -19.07 20.54
CA ASP B 312 17.10 -18.53 21.90
C ASP B 312 17.87 -17.20 21.86
N VAL B 313 17.14 -16.09 21.95
CA VAL B 313 17.64 -14.80 21.49
C VAL B 313 17.49 -13.75 22.60
N THR B 314 18.57 -13.01 22.86
CA THR B 314 18.57 -11.89 23.80
C THR B 314 19.13 -10.64 23.11
N VAL B 315 18.54 -9.48 23.41
CA VAL B 315 19.02 -8.19 22.94
C VAL B 315 19.44 -7.37 24.14
N MET B 316 20.65 -6.79 24.10
CA MET B 316 21.17 -5.94 25.16
C MET B 316 21.10 -4.50 24.69
N VAL B 317 20.39 -3.66 25.44
CA VAL B 317 20.01 -2.32 25.03
C VAL B 317 20.69 -1.32 25.96
N ARG B 318 21.55 -0.46 25.39
CA ARG B 318 22.19 0.58 26.19
C ARG B 318 21.17 1.54 26.79
N SER B 319 20.32 2.16 25.95
CA SER B 319 19.32 3.12 26.43
C SER B 319 17.92 2.83 25.90
N ILE B 320 17.64 3.20 24.63
CA ILE B 320 16.30 3.06 24.04
C ILE B 320 16.37 2.26 22.73
N LEU B 321 15.20 1.77 22.30
CA LEU B 321 15.06 1.14 20.99
C LEU B 321 14.84 2.17 19.88
N LEU B 322 15.49 1.94 18.74
CA LEU B 322 15.24 2.71 17.51
C LEU B 322 15.35 4.21 17.75
N ARG B 323 16.50 4.64 18.31
CA ARG B 323 16.77 6.05 18.52
C ARG B 323 16.59 6.82 17.22
N GLY B 324 15.88 7.94 17.28
CA GLY B 324 15.58 8.70 16.08
C GLY B 324 14.25 8.39 15.42
N PHE B 325 13.65 7.23 15.69
CA PHE B 325 12.28 6.94 15.27
C PHE B 325 11.28 7.35 16.35
N ASP B 326 10.01 7.50 15.96
CA ASP B 326 8.91 7.76 16.89
C ASP B 326 8.93 6.76 18.05
N GLN B 327 9.04 7.27 19.29
CA GLN B 327 9.33 6.37 20.39
C GLN B 327 8.11 5.61 20.88
N GLN B 328 6.89 6.14 20.68
CA GLN B 328 5.70 5.34 20.96
C GLN B 328 5.68 4.10 20.07
N MET B 329 5.93 4.30 18.77
CA MET B 329 5.99 3.20 17.83
C MET B 329 7.11 2.22 18.19
N ALA B 330 8.31 2.73 18.50
CA ALA B 330 9.44 1.86 18.85
C ALA B 330 9.10 0.94 20.02
N GLU B 331 8.37 1.46 21.01
CA GLU B 331 8.01 0.65 22.17
C GLU B 331 6.96 -0.40 21.83
N LYS B 332 5.99 -0.07 20.97
CA LYS B 332 5.06 -1.11 20.52
C LYS B 332 5.80 -2.22 19.76
N VAL B 333 6.78 -1.84 18.94
CA VAL B 333 7.60 -2.82 18.24
C VAL B 333 8.27 -3.77 19.22
N GLY B 334 8.91 -3.20 20.26
CA GLY B 334 9.66 -4.04 21.19
C GLY B 334 8.77 -4.87 22.09
N ASP B 335 7.62 -4.32 22.50
CA ASP B 335 6.63 -5.09 23.27
C ASP B 335 6.14 -6.31 22.48
N TYR B 336 5.85 -6.14 21.19
CA TYR B 336 5.45 -7.30 20.38
C TYR B 336 6.56 -8.36 20.41
N MET B 337 7.81 -7.94 20.20
CA MET B 337 8.93 -8.87 20.19
C MET B 337 9.08 -9.62 21.52
N GLU B 338 8.96 -8.89 22.64
CA GLU B 338 9.09 -9.49 23.95
C GLU B 338 8.00 -10.52 24.20
N ASN B 339 6.80 -10.26 23.68
CA ASN B 339 5.69 -11.20 23.83
C ASN B 339 5.84 -12.42 22.95
N HIS B 340 6.64 -12.36 21.88
CA HIS B 340 6.81 -13.49 20.98
C HIS B 340 8.20 -14.10 21.03
N GLY B 341 8.86 -14.02 22.19
CA GLY B 341 10.01 -14.87 22.47
C GLY B 341 11.38 -14.22 22.51
N VAL B 342 11.51 -12.92 22.23
CA VAL B 342 12.78 -12.22 22.32
C VAL B 342 12.94 -11.66 23.73
N LYS B 343 14.10 -11.90 24.37
CA LYS B 343 14.39 -11.38 25.69
C LYS B 343 15.26 -10.12 25.60
N PHE B 344 15.02 -9.17 26.51
CA PHE B 344 15.74 -7.90 26.52
C PHE B 344 16.48 -7.73 27.84
N ALA B 345 17.72 -7.25 27.76
CA ALA B 345 18.50 -6.81 28.92
C ALA B 345 18.64 -5.30 28.80
N LYS B 346 17.76 -4.58 29.50
CA LYS B 346 17.58 -3.15 29.28
C LYS B 346 18.55 -2.35 30.15
N LEU B 347 18.93 -1.17 29.64
CA LEU B 347 19.85 -0.27 30.31
C LEU B 347 21.15 -0.99 30.69
N CYS B 348 21.72 -1.71 29.71
CA CYS B 348 22.84 -2.61 29.91
C CYS B 348 23.90 -2.36 28.84
N VAL B 349 25.13 -2.76 29.15
CA VAL B 349 26.29 -2.45 28.31
C VAL B 349 27.31 -3.57 28.48
N PRO B 350 28.00 -4.01 27.42
CA PRO B 350 28.99 -5.10 27.56
C PRO B 350 30.37 -4.59 27.95
N ASP B 351 31.10 -5.44 28.68
CA ASP B 351 32.46 -5.13 29.16
C ASP B 351 33.56 -5.98 28.52
N GLU B 352 33.30 -7.26 28.27
CA GLU B 352 34.28 -8.14 27.66
C GLU B 352 33.57 -9.41 27.19
N ILE B 353 34.18 -10.07 26.20
CA ILE B 353 33.76 -11.38 25.69
C ILE B 353 34.91 -12.35 25.97
N LYS B 354 34.64 -13.40 26.74
CA LYS B 354 35.62 -14.46 26.97
C LYS B 354 35.25 -15.67 26.13
N GLN B 355 36.26 -16.27 25.49
CA GLN B 355 36.05 -17.50 24.73
C GLN B 355 36.11 -18.72 25.65
N LEU B 356 35.11 -19.59 25.56
CA LEU B 356 35.12 -20.86 26.28
C LEU B 356 35.30 -22.06 25.38
N LYS B 357 34.93 -21.94 24.11
CA LYS B 357 34.95 -23.04 23.16
C LYS B 357 35.17 -22.43 21.79
N VAL B 358 36.18 -22.93 21.07
CA VAL B 358 36.47 -22.44 19.72
C VAL B 358 35.40 -22.94 18.76
N VAL B 359 35.11 -22.13 17.71
CA VAL B 359 34.21 -22.56 16.64
C VAL B 359 34.75 -23.82 15.97
N ASP B 360 33.88 -24.81 15.78
CA ASP B 360 34.23 -26.09 15.17
C ASP B 360 33.86 -26.04 13.68
N THR B 361 34.84 -25.69 12.84
CA THR B 361 34.62 -25.58 11.41
C THR B 361 34.23 -26.91 10.78
N GLU B 362 34.85 -28.01 11.21
CA GLU B 362 34.64 -29.30 10.55
C GLU B 362 33.22 -29.79 10.72
N ASN B 363 32.71 -29.77 11.96
CA ASN B 363 31.39 -30.31 12.27
C ASN B 363 30.28 -29.26 12.20
N ASN B 364 30.60 -28.04 11.78
CA ASN B 364 29.61 -27.00 11.53
C ASN B 364 28.81 -26.65 12.79
N LYS B 365 29.53 -26.20 13.80
CA LYS B 365 29.01 -25.94 15.12
C LYS B 365 29.58 -24.61 15.61
N PRO B 366 28.77 -23.79 16.26
CA PRO B 366 29.31 -22.58 16.90
C PRO B 366 30.23 -22.96 18.05
N GLY B 367 30.98 -21.97 18.53
CA GLY B 367 31.75 -22.17 19.75
C GLY B 367 30.92 -21.89 20.98
N LEU B 368 31.54 -21.27 22.00
CA LEU B 368 30.85 -20.89 23.22
C LEU B 368 31.61 -19.73 23.86
N LEU B 369 30.86 -18.72 24.32
CA LEU B 369 31.43 -17.47 24.81
C LEU B 369 30.80 -17.11 26.15
N LEU B 370 31.53 -16.34 26.95
CA LEU B 370 31.00 -15.77 28.19
C LEU B 370 31.01 -14.25 28.09
N VAL B 371 29.84 -13.64 28.24
CA VAL B 371 29.70 -12.19 28.12
C VAL B 371 29.60 -11.60 29.51
N LYS B 372 30.41 -10.56 29.77
CA LYS B 372 30.41 -9.85 31.04
C LYS B 372 30.02 -8.41 30.78
N GLY B 373 29.12 -7.88 31.59
CA GLY B 373 28.64 -6.52 31.43
C GLY B 373 28.04 -6.02 32.72
N HIS B 374 27.38 -4.87 32.62
CA HIS B 374 26.79 -4.24 33.80
C HIS B 374 25.68 -3.27 33.40
N TYR B 375 24.74 -3.06 34.31
CA TYR B 375 23.60 -2.18 34.11
C TYR B 375 23.91 -0.77 34.62
N THR B 376 23.01 0.18 34.30
CA THR B 376 23.26 1.58 34.65
C THR B 376 23.25 1.82 36.15
N ASP B 377 22.52 0.99 36.93
CA ASP B 377 22.52 1.17 38.38
C ASP B 377 23.88 0.78 38.97
N GLY B 378 24.49 -0.28 38.45
CA GLY B 378 25.74 -0.82 38.98
C GLY B 378 25.78 -2.33 38.96
N LYS B 379 24.62 -2.98 39.10
CA LYS B 379 24.46 -4.43 39.02
C LYS B 379 25.19 -5.03 37.81
N LYS B 380 25.54 -6.31 37.88
CA LYS B 380 26.42 -6.93 36.91
C LYS B 380 25.67 -7.90 36.01
N PHE B 381 26.16 -8.05 34.79
CA PHE B 381 25.63 -8.98 33.80
C PHE B 381 26.67 -10.07 33.56
N GLU B 382 26.21 -11.33 33.52
CA GLU B 382 27.13 -12.43 33.24
C GLU B 382 26.32 -13.64 32.77
N GLU B 383 26.58 -14.10 31.54
CA GLU B 383 25.80 -15.17 30.94
C GLU B 383 26.55 -15.71 29.73
N GLU B 384 26.28 -16.97 29.38
CA GLU B 384 26.92 -17.66 28.28
C GLU B 384 26.04 -17.64 27.04
N PHE B 385 26.68 -17.49 25.87
CA PHE B 385 26.01 -17.49 24.57
C PHE B 385 26.88 -18.22 23.56
N GLU B 386 26.24 -18.84 22.57
CA GLU B 386 26.99 -19.50 21.51
C GLU B 386 27.45 -18.52 20.42
N THR B 387 26.65 -17.48 20.14
CA THR B 387 26.99 -16.48 19.14
C THR B 387 26.72 -15.11 19.73
N VAL B 388 27.60 -14.14 19.44
CA VAL B 388 27.41 -12.76 19.87
C VAL B 388 27.52 -11.87 18.64
N ILE B 389 26.47 -11.10 18.37
CA ILE B 389 26.34 -10.25 17.17
C ILE B 389 26.35 -8.79 17.60
N PHE B 390 27.27 -8.00 17.07
CA PHE B 390 27.33 -6.58 17.35
C PHE B 390 26.58 -5.80 16.27
N ALA B 391 25.59 -5.00 16.69
CA ALA B 391 24.93 -4.06 15.78
C ALA B 391 24.88 -2.70 16.47
N VAL B 392 26.04 -2.03 16.53
CA VAL B 392 26.18 -0.78 17.27
C VAL B 392 26.54 0.37 16.32
N GLY B 393 26.07 0.31 15.09
CA GLY B 393 26.27 1.39 14.15
C GLY B 393 27.20 1.01 13.02
N ARG B 394 27.29 1.90 12.03
CA ARG B 394 28.17 1.74 10.88
C ARG B 394 28.89 3.07 10.62
N GLU B 395 30.04 3.01 9.95
CA GLU B 395 30.80 4.23 9.70
C GLU B 395 31.54 4.12 8.38
N PRO B 396 31.84 5.25 7.73
CA PRO B 396 32.67 5.21 6.53
C PRO B 396 34.14 5.09 6.88
N GLN B 397 34.94 4.75 5.88
CA GLN B 397 36.38 4.56 6.04
C GLN B 397 37.06 5.27 4.87
N LEU B 398 37.02 6.60 4.87
CA LEU B 398 37.47 7.36 3.71
C LEU B 398 38.96 7.63 3.72
N SER B 399 39.62 7.51 4.87
CA SER B 399 41.07 7.56 4.89
C SER B 399 41.68 6.54 3.93
N LYS B 400 41.06 5.36 3.82
CA LYS B 400 41.50 4.34 2.88
C LYS B 400 41.21 4.71 1.43
N VAL B 401 40.43 5.78 1.19
CA VAL B 401 39.93 6.10 -0.14
C VAL B 401 40.46 7.44 -0.63
N LEU B 402 40.59 8.41 0.26
CA LEU B 402 40.90 9.79 -0.11
C LEU B 402 42.26 10.17 0.47
N CYS B 403 43.12 10.79 -0.35
CA CYS B 403 44.30 11.48 0.16
C CYS B 403 43.90 12.85 0.68
N GLU B 404 44.30 13.13 1.91
CA GLU B 404 44.13 14.42 2.58
C GLU B 404 44.50 15.58 1.66
N THR B 405 45.52 15.41 0.82
CA THR B 405 46.02 16.51 0.01
C THR B 405 45.04 16.92 -1.08
N VAL B 406 44.17 16.02 -1.55
CA VAL B 406 43.22 16.33 -2.62
C VAL B 406 42.29 17.47 -2.22
N GLY B 407 41.93 17.54 -0.95
CA GLY B 407 41.11 18.63 -0.47
C GLY B 407 39.60 18.40 -0.49
N VAL B 408 39.14 17.17 -0.32
CA VAL B 408 37.71 16.90 -0.18
C VAL B 408 37.35 17.02 1.30
N LYS B 409 36.46 17.97 1.61
CA LYS B 409 36.09 18.23 3.01
C LYS B 409 35.17 17.15 3.58
N LEU B 410 35.55 16.62 4.74
CA LEU B 410 34.73 15.70 5.54
C LEU B 410 34.17 16.43 6.75
N ASP B 411 33.13 15.86 7.37
CA ASP B 411 32.63 16.40 8.61
C ASP B 411 33.26 15.65 9.78
N LYS B 412 32.77 15.87 10.99
CA LYS B 412 33.39 15.28 12.17
C LYS B 412 33.04 13.80 12.35
N ASN B 413 32.05 13.28 11.62
CA ASN B 413 31.78 11.84 11.60
C ASN B 413 32.57 11.10 10.52
N GLY B 414 33.22 11.82 9.60
CA GLY B 414 33.90 11.19 8.51
C GLY B 414 33.13 11.10 7.21
N ARG B 415 32.02 11.83 7.10
CA ARG B 415 31.21 11.82 5.88
C ARG B 415 31.47 13.07 5.05
N VAL B 416 31.18 12.97 3.76
CA VAL B 416 31.56 14.01 2.79
C VAL B 416 30.51 15.11 2.80
N VAL B 417 30.99 16.36 2.88
CA VAL B 417 30.15 17.55 2.86
C VAL B 417 29.85 17.92 1.42
N CYS B 418 28.57 17.98 1.06
CA CYS B 418 28.18 18.14 -0.33
C CYS B 418 27.22 19.32 -0.49
N THR B 419 27.19 19.90 -1.69
CA THR B 419 26.13 20.82 -2.06
C THR B 419 24.84 20.04 -2.33
N ASP B 420 23.77 20.77 -2.67
CA ASP B 420 22.49 20.11 -2.91
C ASP B 420 22.46 19.37 -4.25
N ASP B 421 23.54 19.41 -5.02
CA ASP B 421 23.65 18.60 -6.24
C ASP B 421 24.80 17.59 -6.12
N GLU B 422 25.12 17.17 -4.91
CA GLU B 422 26.14 16.16 -4.62
C GLU B 422 27.60 16.61 -4.89
N GLN B 423 27.87 17.88 -5.24
CA GLN B 423 29.25 18.32 -5.47
C GLN B 423 30.04 18.42 -4.16
N THR B 424 31.29 17.94 -4.17
CA THR B 424 32.17 18.12 -3.02
C THR B 424 32.79 19.52 -3.08
N THR B 425 33.79 19.78 -2.20
CA THR B 425 34.62 20.97 -2.24
C THR B 425 35.65 20.96 -3.38
N VAL B 426 35.75 19.85 -4.12
CA VAL B 426 36.61 19.75 -5.31
C VAL B 426 35.68 19.61 -6.52
N SER B 427 35.72 20.59 -7.41
CA SER B 427 34.61 20.88 -8.32
C SER B 427 34.23 19.72 -9.26
N ASN B 428 35.14 18.78 -9.53
CA ASN B 428 34.87 17.65 -10.42
C ASN B 428 34.59 16.35 -9.67
N VAL B 429 34.49 16.40 -8.34
CA VAL B 429 34.33 15.22 -7.50
C VAL B 429 33.00 15.33 -6.75
N TYR B 430 32.19 14.26 -6.82
CA TYR B 430 30.88 14.21 -6.18
C TYR B 430 30.82 12.98 -5.28
N ALA B 431 29.82 12.94 -4.38
CA ALA B 431 29.63 11.80 -3.49
C ALA B 431 28.14 11.50 -3.36
N ILE B 432 27.80 10.21 -3.22
CA ILE B 432 26.41 9.75 -3.20
C ILE B 432 26.26 8.60 -2.21
N GLY B 433 25.02 8.37 -1.76
CA GLY B 433 24.77 7.24 -0.91
C GLY B 433 25.12 7.53 0.55
N ASP B 434 25.46 6.45 1.28
CA ASP B 434 25.60 6.52 2.73
C ASP B 434 26.73 7.45 3.19
N ILE B 435 27.71 7.77 2.31
CA ILE B 435 28.81 8.67 2.71
C ILE B 435 28.49 10.15 2.51
N ASN B 436 27.33 10.48 1.96
CA ASN B 436 26.91 11.87 1.79
C ASN B 436 26.32 12.35 3.12
N ALA B 437 26.98 13.34 3.75
CA ALA B 437 26.59 13.80 5.08
C ALA B 437 25.15 14.31 5.14
N GLY B 438 24.42 13.88 6.17
CA GLY B 438 23.08 14.37 6.43
C GLY B 438 21.96 13.76 5.61
N LYS B 439 22.26 12.86 4.68
CA LYS B 439 21.24 12.28 3.82
C LYS B 439 20.70 10.98 4.41
N PRO B 440 19.46 10.60 4.11
CA PRO B 440 18.95 9.31 4.60
C PRO B 440 19.72 8.15 3.97
N GLN B 441 20.08 7.17 4.80
CA GLN B 441 20.98 6.11 4.37
C GLN B 441 20.14 4.91 3.95
N LEU B 442 19.62 4.98 2.73
CA LEU B 442 18.69 3.97 2.23
C LEU B 442 19.06 3.66 0.78
N THR B 443 18.81 2.41 0.37
CA THR B 443 19.21 1.99 -0.98
C THR B 443 18.47 2.73 -2.10
N PRO B 444 17.15 2.92 -2.06
CA PRO B 444 16.51 3.70 -3.15
C PRO B 444 16.95 5.15 -3.19
N VAL B 445 17.34 5.77 -2.07
CA VAL B 445 17.90 7.12 -2.11
C VAL B 445 19.21 7.14 -2.92
N ALA B 446 20.11 6.21 -2.63
CA ALA B 446 21.40 6.20 -3.32
C ALA B 446 21.22 5.99 -4.82
N ILE B 447 20.25 5.15 -5.22
CA ILE B 447 19.98 4.89 -6.64
C ILE B 447 19.45 6.15 -7.33
N GLN B 448 18.48 6.82 -6.72
CA GLN B 448 17.96 8.08 -7.27
C GLN B 448 19.05 9.15 -7.35
N ALA B 449 19.84 9.30 -6.27
CA ALA B 449 20.95 10.25 -6.29
C ALA B 449 21.89 9.98 -7.45
N GLY B 450 22.28 8.71 -7.63
CA GLY B 450 23.24 8.37 -8.67
C GLY B 450 22.70 8.51 -10.07
N ARG B 451 21.44 8.11 -10.30
CA ARG B 451 20.88 8.25 -11.64
C ARG B 451 20.64 9.71 -12.00
N TYR B 452 20.11 10.51 -11.06
CA TYR B 452 19.86 11.91 -11.40
C TYR B 452 21.15 12.68 -11.60
N LEU B 453 22.20 12.38 -10.81
CA LEU B 453 23.48 13.06 -10.99
C LEU B 453 24.04 12.78 -12.38
N ALA B 454 24.03 11.51 -12.81
CA ALA B 454 24.58 11.15 -14.12
C ALA B 454 23.87 11.87 -15.25
N ARG B 455 22.56 12.09 -15.12
CA ARG B 455 21.82 12.81 -16.15
C ARG B 455 22.20 14.29 -16.18
N ARG B 456 22.47 14.88 -15.01
CA ARG B 456 22.92 16.26 -14.99
C ARG B 456 24.30 16.40 -15.64
N LEU B 457 25.23 15.48 -15.34
CA LEU B 457 26.59 15.60 -15.85
C LEU B 457 26.66 15.39 -17.36
N PHE B 458 25.86 14.46 -17.91
CA PHE B 458 26.08 14.01 -19.27
C PHE B 458 24.90 14.18 -20.23
N ALA B 459 23.73 14.62 -19.75
CA ALA B 459 22.61 14.85 -20.66
C ALA B 459 21.96 16.20 -20.45
N GLY B 460 22.60 17.12 -19.72
CA GLY B 460 22.05 18.45 -19.52
C GLY B 460 20.80 18.53 -18.66
N ALA B 461 20.53 17.52 -17.85
CA ALA B 461 19.36 17.57 -16.99
C ALA B 461 19.59 18.58 -15.85
N THR B 462 18.48 19.03 -15.26
CA THR B 462 18.54 19.92 -14.10
C THR B 462 17.86 19.37 -12.85
N GLU B 463 17.11 18.26 -12.95
CA GLU B 463 16.39 17.72 -11.80
C GLU B 463 17.35 17.34 -10.66
N LEU B 464 17.05 17.82 -9.47
CA LEU B 464 17.76 17.43 -8.26
C LEU B 464 17.02 16.30 -7.55
N THR B 465 17.76 15.57 -6.70
CA THR B 465 17.15 14.60 -5.79
C THR B 465 16.48 15.32 -4.61
N ASP B 466 15.25 14.92 -4.29
CA ASP B 466 14.52 15.44 -3.14
C ASP B 466 14.68 14.45 -1.99
N TYR B 467 15.41 14.86 -0.95
CA TYR B 467 15.70 14.00 0.20
C TYR B 467 14.69 14.16 1.34
N SER B 468 13.60 14.90 1.15
CA SER B 468 12.64 15.16 2.22
C SER B 468 11.48 14.16 2.23
N ASN B 469 11.03 13.81 3.44
CA ASN B 469 9.85 12.96 3.64
C ASN B 469 10.00 11.59 2.96
N VAL B 470 11.19 11.00 3.06
CA VAL B 470 11.44 9.68 2.48
C VAL B 470 10.91 8.61 3.44
N ALA B 471 10.00 7.76 2.95
CA ALA B 471 9.37 6.73 3.77
C ALA B 471 10.34 5.59 4.09
N THR B 472 10.11 4.92 5.23
CA THR B 472 10.93 3.82 5.72
C THR B 472 10.04 2.65 6.16
N THR B 473 10.61 1.44 6.20
CA THR B 473 9.95 0.31 6.85
C THR B 473 10.96 -0.53 7.61
N VAL B 474 10.67 -0.81 8.89
CA VAL B 474 11.50 -1.67 9.72
C VAL B 474 10.86 -3.06 9.71
N PHE B 475 11.58 -4.06 9.19
CA PHE B 475 11.04 -5.42 9.01
C PHE B 475 11.25 -6.31 10.23
N THR B 476 10.81 -5.83 11.40
CA THR B 476 10.66 -6.62 12.61
C THR B 476 9.50 -7.63 12.45
N PRO B 477 9.38 -8.63 13.35
CA PRO B 477 8.29 -9.63 13.20
C PRO B 477 6.91 -9.02 12.96
N LEU B 478 6.56 -7.96 13.68
CA LEU B 478 5.48 -7.07 13.27
C LEU B 478 6.13 -5.83 12.68
N GLU B 479 5.87 -5.56 11.42
CA GLU B 479 6.57 -4.54 10.65
C GLU B 479 6.04 -3.14 10.98
N TYR B 480 6.91 -2.14 10.76
CA TYR B 480 6.64 -0.76 11.15
C TYR B 480 7.04 0.17 10.01
N GLY B 481 6.05 0.76 9.34
CA GLY B 481 6.29 1.71 8.27
C GLY B 481 6.06 3.13 8.75
N ALA B 482 6.79 4.07 8.15
CA ALA B 482 6.65 5.47 8.54
C ALA B 482 7.00 6.37 7.36
N CYS B 483 6.33 7.53 7.31
CA CYS B 483 6.70 8.58 6.36
C CYS B 483 6.47 9.94 7.00
N GLY B 484 7.54 10.74 7.14
CA GLY B 484 7.43 12.08 7.73
C GLY B 484 7.93 12.21 9.16
N LEU B 485 7.37 13.16 9.92
CA LEU B 485 7.86 13.44 11.27
C LEU B 485 7.32 12.45 12.29
N SER B 486 8.16 12.13 13.29
CA SER B 486 7.62 11.49 14.50
C SER B 486 6.71 12.47 15.25
N GLU B 487 5.91 11.93 16.16
CA GLU B 487 5.05 12.78 16.98
C GLU B 487 5.87 13.79 17.80
N GLU B 488 6.93 13.31 18.46
CA GLU B 488 7.73 14.20 19.30
C GLU B 488 8.46 15.27 18.48
N ASP B 489 8.90 14.96 17.25
CA ASP B 489 9.56 15.99 16.44
C ASP B 489 8.58 17.07 15.99
N ALA B 490 7.34 16.69 15.67
CA ALA B 490 6.33 17.66 15.27
C ALA B 490 5.98 18.58 16.44
N ILE B 491 5.74 18.01 17.63
CA ILE B 491 5.41 18.83 18.78
C ILE B 491 6.52 19.83 19.07
N GLU B 492 7.77 19.37 19.05
CA GLU B 492 8.89 20.27 19.34
C GLU B 492 9.02 21.37 18.29
N LYS B 493 8.71 21.07 17.03
CA LYS B 493 8.83 22.06 15.96
C LYS B 493 7.70 23.10 15.98
N TYR B 494 6.46 22.68 16.25
CA TYR B 494 5.32 23.57 16.09
C TYR B 494 4.58 23.86 17.39
N GLY B 495 4.84 23.13 18.47
CA GLY B 495 4.13 23.34 19.72
C GLY B 495 2.95 22.40 19.89
N ASP B 496 2.68 21.97 21.13
CA ASP B 496 1.68 20.95 21.37
C ASP B 496 0.26 21.41 21.04
N LYS B 497 -0.02 22.70 21.13
CA LYS B 497 -1.39 23.13 20.87
C LYS B 497 -1.69 23.22 19.37
N ASP B 498 -0.66 23.24 18.52
CA ASP B 498 -0.83 23.24 17.06
C ASP B 498 -0.79 21.83 16.45
N ILE B 499 -0.69 20.77 17.25
CA ILE B 499 -0.59 19.40 16.74
C ILE B 499 -1.85 18.63 17.12
N GLU B 500 -2.45 17.95 16.13
CA GLU B 500 -3.56 17.02 16.33
C GLU B 500 -3.15 15.64 15.83
N VAL B 501 -3.45 14.60 16.61
CA VAL B 501 -3.07 13.22 16.30
C VAL B 501 -4.32 12.35 16.23
N TYR B 502 -4.55 11.72 15.08
CA TYR B 502 -5.65 10.77 14.90
C TYR B 502 -5.08 9.36 14.93
N HIS B 503 -5.69 8.45 15.71
CA HIS B 503 -5.10 7.12 15.87
C HIS B 503 -6.19 6.07 16.06
N SER B 504 -5.79 4.80 15.87
CA SER B 504 -6.68 3.66 16.00
C SER B 504 -5.88 2.36 16.06
N ASN B 505 -6.30 1.44 16.94
CA ASN B 505 -5.90 0.06 16.79
C ASN B 505 -6.68 -0.58 15.65
N PHE B 506 -6.20 -1.75 15.20
CA PHE B 506 -6.94 -2.54 14.22
C PHE B 506 -6.50 -4.00 14.33
N LYS B 507 -7.26 -4.86 13.63
CA LYS B 507 -6.98 -6.29 13.56
C LYS B 507 -7.12 -6.77 12.12
N PRO B 508 -6.09 -7.36 11.53
CA PRO B 508 -6.23 -7.88 10.15
C PRO B 508 -7.29 -8.97 10.11
N LEU B 509 -8.09 -8.99 9.04
CA LEU B 509 -9.10 -10.05 8.90
C LEU B 509 -8.44 -11.44 8.99
N GLU B 510 -7.23 -11.57 8.45
CA GLU B 510 -6.50 -12.83 8.47
C GLU B 510 -6.22 -13.34 9.89
N TRP B 511 -6.21 -12.45 10.88
CA TRP B 511 -5.93 -12.84 12.26
C TRP B 511 -7.17 -13.30 13.01
N THR B 512 -8.37 -13.22 12.43
CA THR B 512 -9.56 -13.57 13.17
C THR B 512 -9.65 -15.07 13.36
N VAL B 513 -9.68 -15.83 12.25
CA VAL B 513 -9.84 -17.27 12.35
C VAL B 513 -8.59 -17.92 12.94
N ALA B 514 -7.43 -17.25 12.85
CA ALA B 514 -6.17 -17.71 13.44
C ALA B 514 -6.02 -17.40 14.92
N HIS B 515 -6.97 -16.69 15.53
CA HIS B 515 -6.95 -16.41 16.98
C HIS B 515 -5.70 -15.65 17.41
N ARG B 516 -5.32 -14.63 16.63
CA ARG B 516 -4.22 -13.74 17.01
C ARG B 516 -4.79 -12.52 17.74
N GLU B 517 -3.91 -11.61 18.17
CA GLU B 517 -4.26 -10.58 19.16
C GLU B 517 -5.18 -9.50 18.57
N ASP B 518 -6.02 -8.92 19.46
CA ASP B 518 -7.07 -8.00 19.05
C ASP B 518 -6.57 -6.57 18.85
N ASN B 519 -5.67 -6.09 19.71
CA ASN B 519 -5.33 -4.67 19.78
C ASN B 519 -3.83 -4.46 19.82
N VAL B 520 -3.05 -5.08 18.94
CA VAL B 520 -1.62 -4.79 18.87
C VAL B 520 -1.27 -3.96 17.64
N CYS B 521 -1.87 -4.27 16.47
CA CYS B 521 -1.64 -3.43 15.30
C CYS B 521 -2.22 -2.04 15.58
N TYR B 522 -1.61 -1.02 14.97
CA TYR B 522 -1.84 0.36 15.39
C TYR B 522 -1.44 1.32 14.28
N MET B 523 -2.13 2.46 14.19
CA MET B 523 -1.72 3.47 13.22
C MET B 523 -2.12 4.85 13.72
N LYS B 524 -1.39 5.88 13.26
CA LYS B 524 -1.71 7.26 13.60
C LYS B 524 -1.29 8.20 12.48
N LEU B 525 -1.97 9.35 12.42
CA LEU B 525 -1.62 10.51 11.58
C LEU B 525 -1.35 11.71 12.48
N VAL B 526 -0.15 12.30 12.35
CA VAL B 526 0.28 13.49 13.08
C VAL B 526 0.08 14.70 12.17
N CYS B 527 -0.76 15.65 12.58
CA CYS B 527 -1.25 16.72 11.70
C CYS B 527 -1.07 18.10 12.31
N ARG B 528 -0.93 19.12 11.43
CA ARG B 528 -0.76 20.51 11.84
C ARG B 528 -2.07 21.30 11.71
N LYS B 529 -2.61 21.72 12.86
CA LYS B 529 -3.89 22.42 12.90
C LYS B 529 -3.87 23.70 12.09
N SER B 530 -2.88 24.56 12.31
CA SER B 530 -2.91 25.88 11.67
C SER B 530 -2.56 25.82 10.19
N ASP B 531 -2.29 24.65 9.64
CA ASP B 531 -2.01 24.50 8.21
C ASP B 531 -3.01 23.53 7.57
N ASN B 532 -4.31 23.74 7.85
CA ASN B 532 -5.40 22.97 7.23
C ASN B 532 -5.35 21.47 7.56
N MET B 533 -4.87 21.13 8.76
CA MET B 533 -4.72 19.73 9.19
C MET B 533 -3.79 18.96 8.26
N ARG B 534 -2.69 19.61 7.86
CA ARG B 534 -1.65 19.00 7.02
C ARG B 534 -1.09 17.75 7.67
N VAL B 535 -0.95 16.67 6.91
CA VAL B 535 -0.36 15.43 7.45
C VAL B 535 1.15 15.61 7.54
N LEU B 536 1.68 15.70 8.77
CA LEU B 536 3.13 15.84 8.98
C LEU B 536 3.85 14.50 9.07
N GLY B 537 3.22 13.49 9.65
CA GLY B 537 3.78 12.16 9.71
C GLY B 537 2.70 11.10 9.73
N LEU B 538 3.00 9.96 9.08
CA LEU B 538 2.13 8.78 9.06
C LEU B 538 2.90 7.60 9.65
N HIS B 539 2.24 6.77 10.47
CA HIS B 539 2.92 5.67 11.17
C HIS B 539 1.99 4.46 11.23
N VAL B 540 2.49 3.26 10.90
CA VAL B 540 1.65 2.06 10.96
C VAL B 540 2.46 0.85 11.42
N LEU B 541 1.91 0.10 12.36
CA LEU B 541 2.48 -1.14 12.88
C LEU B 541 1.51 -2.27 12.52
N GLY B 542 1.94 -3.19 11.65
CA GLY B 542 1.09 -4.27 11.15
C GLY B 542 1.74 -5.07 10.03
N PRO B 543 1.08 -6.14 9.59
CA PRO B 543 1.61 -6.93 8.48
C PRO B 543 1.70 -6.10 7.20
N ASN B 544 2.72 -6.40 6.38
CA ASN B 544 2.85 -5.81 5.04
C ASN B 544 2.97 -4.27 5.10
N ALA B 545 3.64 -3.74 6.14
CA ALA B 545 3.66 -2.31 6.40
C ALA B 545 4.36 -1.53 5.28
N GLY B 546 5.35 -2.13 4.63
CA GLY B 546 5.98 -1.47 3.49
C GLY B 546 5.00 -1.26 2.34
N GLU B 547 4.24 -2.30 2.01
CA GLU B 547 3.23 -2.17 0.96
C GLU B 547 2.16 -1.15 1.36
N ILE B 548 1.74 -1.16 2.64
CA ILE B 548 0.74 -0.21 3.12
C ILE B 548 1.25 1.23 2.96
N THR B 549 2.49 1.49 3.39
CA THR B 549 3.01 2.85 3.54
C THR B 549 3.33 3.51 2.19
N GLN B 550 3.92 2.75 1.25
CA GLN B 550 4.53 3.34 0.05
C GLN B 550 3.63 4.35 -0.66
N GLY B 551 2.39 3.95 -0.96
CA GLY B 551 1.50 4.81 -1.74
C GLY B 551 1.16 6.12 -1.05
N TYR B 552 1.00 6.11 0.28
CA TYR B 552 0.77 7.36 1.00
C TYR B 552 1.97 8.32 0.87
N ALA B 553 3.17 7.81 0.61
CA ALA B 553 4.32 8.70 0.47
C ALA B 553 4.15 9.65 -0.70
N VAL B 554 3.44 9.22 -1.74
CA VAL B 554 3.16 10.13 -2.84
C VAL B 554 2.21 11.23 -2.39
N ALA B 555 1.17 10.87 -1.65
CA ALA B 555 0.21 11.88 -1.22
C ALA B 555 0.87 12.89 -0.28
N ILE B 556 1.75 12.42 0.61
CA ILE B 556 2.43 13.31 1.54
C ILE B 556 3.38 14.26 0.79
N LYS B 557 4.11 13.73 -0.21
CA LYS B 557 4.94 14.57 -1.08
C LYS B 557 4.12 15.70 -1.71
N MET B 558 2.86 15.44 -2.01
CA MET B 558 1.94 16.37 -2.65
C MET B 558 1.23 17.31 -1.67
N GLY B 559 1.48 17.17 -0.37
CA GLY B 559 0.87 18.03 0.62
C GLY B 559 -0.44 17.56 1.21
N ALA B 560 -0.64 16.25 1.36
CA ALA B 560 -1.95 15.75 1.76
C ALA B 560 -2.38 16.33 3.11
N THR B 561 -3.67 16.60 3.24
CA THR B 561 -4.30 16.98 4.52
C THR B 561 -5.19 15.83 5.01
N LYS B 562 -5.68 15.99 6.23
CA LYS B 562 -6.62 15.03 6.78
C LYS B 562 -7.90 14.95 5.95
N ALA B 563 -8.35 16.09 5.40
CA ALA B 563 -9.53 16.08 4.53
C ALA B 563 -9.27 15.28 3.26
N ASP B 564 -8.04 15.30 2.74
CA ASP B 564 -7.72 14.42 1.62
C ASP B 564 -7.85 12.94 1.98
N PHE B 565 -7.41 12.54 3.18
CA PHE B 565 -7.59 11.15 3.60
C PHE B 565 -9.07 10.81 3.79
N ASP B 566 -9.86 11.78 4.29
CA ASP B 566 -11.28 11.54 4.59
C ASP B 566 -12.11 11.33 3.32
N ARG B 567 -11.90 12.17 2.30
CA ARG B 567 -12.72 12.10 1.11
C ARG B 567 -12.36 10.94 0.19
N THR B 568 -11.21 10.28 0.42
CA THR B 568 -10.86 9.06 -0.29
C THR B 568 -11.57 7.86 0.33
N ILE B 569 -12.02 6.94 -0.52
CA ILE B 569 -12.78 5.76 -0.07
C ILE B 569 -11.84 4.57 0.12
N GLY B 570 -12.14 3.72 1.09
CA GLY B 570 -11.29 2.57 1.34
C GLY B 570 -11.56 1.38 0.42
N ILE B 571 -10.54 0.50 0.33
CA ILE B 571 -10.65 -0.82 -0.29
C ILE B 571 -10.87 -1.86 0.80
N HIS B 572 -11.96 -2.64 0.68
CA HIS B 572 -12.37 -3.56 1.74
C HIS B 572 -12.38 -5.00 1.23
N PRO B 573 -11.87 -5.98 2.01
CA PRO B 573 -11.23 -5.86 3.33
C PRO B 573 -9.69 -5.71 3.26
N THR B 574 -9.12 -4.64 3.82
CA THR B 574 -7.68 -4.44 3.92
C THR B 574 -7.34 -3.87 5.28
N CYS B 575 -6.06 -4.00 5.66
CA CYS B 575 -5.54 -3.23 6.79
C CYS B 575 -5.45 -1.75 6.45
N SER B 576 -5.02 -1.43 5.23
CA SER B 576 -4.71 -0.06 4.87
C SER B 576 -5.92 0.88 4.94
N GLU B 577 -7.12 0.38 4.62
CA GLU B 577 -8.32 1.22 4.57
C GLU B 577 -8.62 1.92 5.90
N THR B 578 -8.07 1.43 7.02
CA THR B 578 -8.29 2.10 8.30
C THR B 578 -7.77 3.54 8.30
N PHE B 579 -6.83 3.87 7.41
CA PHE B 579 -6.37 5.26 7.27
C PHE B 579 -7.44 6.19 6.70
N THR B 580 -8.44 5.66 5.98
CA THR B 580 -9.43 6.51 5.34
C THR B 580 -10.59 6.88 6.26
N THR B 581 -10.69 6.30 7.48
CA THR B 581 -11.82 6.60 8.36
C THR B 581 -11.36 6.96 9.78
N LEU B 582 -10.16 7.49 9.95
CA LEU B 582 -9.67 7.81 11.29
C LEU B 582 -10.45 8.99 11.87
N HIS B 583 -10.71 8.96 13.18
CA HIS B 583 -11.54 10.02 13.76
C HIS B 583 -11.30 10.25 15.25
N VAL B 584 -10.72 9.29 15.95
CA VAL B 584 -10.41 9.42 17.37
C VAL B 584 -9.12 10.23 17.52
N THR B 585 -9.19 11.33 18.28
CA THR B 585 -8.00 12.14 18.57
C THR B 585 -7.40 11.79 19.92
N LYS B 586 -6.07 12.00 20.04
CA LYS B 586 -5.43 11.81 21.34
C LYS B 586 -5.91 12.84 22.37
N LYS B 587 -6.18 14.07 21.94
CA LYS B 587 -6.64 15.09 22.89
C LYS B 587 -8.00 14.73 23.47
N SER B 588 -8.84 14.02 22.72
CA SER B 588 -10.16 13.65 23.22
C SER B 588 -10.10 12.64 24.36
N GLY B 589 -8.98 11.93 24.53
CA GLY B 589 -8.90 10.89 25.53
C GLY B 589 -9.71 9.64 25.25
N VAL B 590 -10.47 9.59 24.14
CA VAL B 590 -11.22 8.38 23.78
C VAL B 590 -10.25 7.25 23.44
N SER B 591 -10.58 6.04 23.88
CA SER B 591 -9.71 4.90 23.62
C SER B 591 -9.61 4.61 22.12
N PRO B 592 -8.45 4.14 21.66
CA PRO B 592 -8.31 3.71 20.25
C PRO B 592 -8.61 2.24 19.99
N ILE B 593 -9.09 1.46 20.98
CA ILE B 593 -9.25 0.01 20.74
C ILE B 593 -10.46 -0.25 19.84
N VAL B 594 -10.48 -1.44 19.24
CA VAL B 594 -11.45 -1.73 18.17
C VAL B 594 -12.83 -2.09 18.73
#